data_4TUJ
#
_entry.id   4TUJ
#
_cell.length_a   43.380
_cell.length_b   69.820
_cell.length_c   78.000
_cell.angle_alpha   111.45
_cell.angle_beta   101.14
_cell.angle_gamma   90.35
#
_symmetry.space_group_name_H-M   'P 1'
#
loop_
_entity.id
_entity.type
_entity.pdbx_description
1 polymer 'Heavy chain of monoclonal antibody against neuroblastoma associated antigen'
2 polymer 'Light chain of monoclonal antibody against neuroblastoma associated antigen'
3 polymer peptide1
4 water water
#
loop_
_entity_poly.entity_id
_entity_poly.type
_entity_poly.pdbx_seq_one_letter_code
_entity_poly.pdbx_strand_id
1 'polypeptide(L)'
;EVQLLQSGPELEKPGASVMISCKASGSSFTGYNMNWVRQNIGKSLEWIGAIDPYYGGTSYNQKFKGRATLTVDKSSSTAY
MHLKSLTSEDSAVYYCVSGMEYWGQGTSVTVSSAKTTAPSVYPLAPVCGDTTGSSVTLGCLVKGYFPEPVTLTWNSGSLS
SGVHTFPAVLQSDLYTLSSSVTVTSSTWPSQSITCNVAHPASSTKVDKKIEPRG
;
A,C
2 'polypeptide(L)'
;DVVMTQTPLSLPVSLGDQASISCRSSQSLVHRNGNTYLHWYLQKPGQSPKLLIHKVSNRFSGVPDRFSGSGSGTDFTLKI
SRVEAEDLGVYFCSQSTHVPPLTFGAGTKLELKRADAAPTVSIFPPSSEQLTSGGASVVCFLNNFYPKDINVKWKIDGSE
RQNGVLNSWTDQDSKDSTYSMSSTLTLTKDEYERHNSYTCEATHKTSTSPIVKSFNRNEC
;
B,D
3 'polypeptide(L)' RCNPNMEPPRCWAAEGD E,F
#
# COMPACT_ATOMS: atom_id res chain seq x y z
N GLU A 1 -4.15 13.22 22.76
CA GLU A 1 -4.02 13.35 21.28
C GLU A 1 -3.77 14.81 20.91
N VAL A 2 -2.50 15.21 20.90
CA VAL A 2 -2.14 16.52 20.39
C VAL A 2 -1.80 16.33 18.93
N GLN A 3 -2.42 17.14 18.07
CA GLN A 3 -2.10 17.18 16.66
C GLN A 3 -1.26 18.40 16.38
N LEU A 4 -0.12 18.20 15.75
CA LEU A 4 0.80 19.29 15.48
C LEU A 4 1.05 19.40 14.00
N LEU A 5 0.69 20.53 13.43
CA LEU A 5 0.90 20.78 11.99
C LEU A 5 2.00 21.77 11.73
N GLN A 6 3.01 21.33 11.00
CA GLN A 6 4.13 22.17 10.72
C GLN A 6 4.02 22.80 9.33
N SER A 7 4.67 23.93 9.18
CA SER A 7 4.75 24.59 7.86
C SER A 7 5.64 23.81 6.87
N GLY A 8 5.62 24.19 5.60
CA GLY A 8 6.20 23.37 4.56
C GLY A 8 7.72 23.52 4.37
N PRO A 9 8.27 22.78 3.39
CA PRO A 9 9.71 22.78 3.12
C PRO A 9 10.29 24.18 2.86
N GLU A 10 11.46 24.40 3.43
CA GLU A 10 12.17 25.66 3.32
C GLU A 10 13.48 25.48 2.58
N LEU A 11 13.81 26.44 1.75
CA LEU A 11 15.11 26.49 1.10
C LEU A 11 15.70 27.86 1.47
N GLU A 12 16.89 27.90 2.05
CA GLU A 12 17.56 29.18 2.33
C GLU A 12 19.02 29.13 1.90
N LYS A 13 19.57 30.32 1.69
CA LYS A 13 20.98 30.50 1.40
C LYS A 13 21.83 30.57 2.67
N PRO A 14 23.09 30.18 2.56
CA PRO A 14 24.00 30.37 3.68
C PRO A 14 24.00 31.80 4.16
N GLY A 15 23.98 31.98 5.47
CA GLY A 15 23.94 33.31 6.06
C GLY A 15 22.54 33.80 6.38
N ALA A 16 21.53 33.21 5.75
CA ALA A 16 20.16 33.66 5.94
C ALA A 16 19.53 33.05 7.18
N SER A 17 18.22 33.25 7.31
CA SER A 17 17.47 32.77 8.45
C SER A 17 16.26 32.00 7.97
N VAL A 18 15.63 31.27 8.89
CA VAL A 18 14.44 30.50 8.54
C VAL A 18 13.53 30.59 9.74
N MET A 19 12.23 30.66 9.48
CA MET A 19 11.23 30.55 10.55
C MET A 19 10.23 29.46 10.15
N ILE A 20 9.95 28.53 11.08
CA ILE A 20 9.00 27.45 10.86
C ILE A 20 7.92 27.56 11.89
N SER A 21 6.70 27.20 11.53
CA SER A 21 5.57 27.25 12.47
C SER A 21 5.08 25.87 12.84
N CYS A 22 4.39 25.81 13.95
CA CYS A 22 3.79 24.59 14.45
C CYS A 22 2.44 24.97 15.10
N LYS A 23 1.35 24.49 14.50
CA LYS A 23 -0.01 24.76 14.94
C LYS A 23 -0.50 23.58 15.74
N ALA A 24 -0.88 23.87 16.99
CA ALA A 24 -1.27 22.88 17.96
C ALA A 24 -2.77 22.75 18.05
N SER A 25 -3.25 21.53 18.08
CA SER A 25 -4.66 21.31 18.33
C SER A 25 -4.78 19.94 18.92
N GLY A 26 -6.02 19.50 19.10
CA GLY A 26 -6.32 18.34 19.89
C GLY A 26 -7.47 18.75 20.80
N SER A 27 -7.97 17.81 21.58
CA SER A 27 -7.36 16.50 21.67
C SER A 27 -7.42 16.11 23.14
N SER A 28 -6.73 16.85 23.99
CA SER A 28 -5.98 18.04 23.58
C SER A 28 -4.97 18.47 24.64
N PHE A 29 -4.40 19.68 24.45
CA PHE A 29 -3.23 20.13 25.23
C PHE A 29 -3.46 20.19 26.74
N THR A 30 -2.37 20.00 27.48
CA THR A 30 -2.31 20.31 28.90
C THR A 30 -1.38 21.50 29.06
N GLY A 31 -1.13 22.21 27.95
CA GLY A 31 -0.25 23.37 27.90
C GLY A 31 1.22 23.06 28.13
N TYR A 32 1.66 21.89 27.69
CA TYR A 32 3.01 21.42 27.95
C TYR A 32 3.98 22.20 27.11
N ASN A 33 5.26 22.11 27.42
CA ASN A 33 6.23 22.93 26.69
C ASN A 33 6.36 22.45 25.25
N MET A 34 6.63 23.38 24.37
CA MET A 34 6.88 23.05 22.98
C MET A 34 8.35 22.93 22.72
N ASN A 35 8.78 21.74 22.27
CA ASN A 35 10.18 21.46 22.05
C ASN A 35 10.44 21.44 20.56
N TRP A 36 11.69 21.66 20.18
CA TRP A 36 12.11 21.57 18.79
C TRP A 36 13.33 20.75 18.74
N VAL A 37 13.30 19.80 17.81
CA VAL A 37 14.31 18.77 17.63
C VAL A 37 14.57 18.65 16.11
N ARG A 38 15.84 18.58 15.69
CA ARG A 38 16.13 18.31 14.29
C ARG A 38 16.78 16.93 14.09
N GLN A 39 16.63 16.42 12.87
CA GLN A 39 17.13 15.10 12.49
C GLN A 39 17.89 15.24 11.16
N ASN A 40 19.15 14.85 11.19
CA ASN A 40 20.02 15.08 10.04
C ASN A 40 19.97 13.89 9.12
N ILE A 41 20.69 13.96 8.01
CA ILE A 41 20.72 12.86 7.04
C ILE A 41 20.98 11.50 7.70
N GLY A 42 21.88 11.48 8.69
CA GLY A 42 22.22 10.25 9.41
C GLY A 42 21.18 9.72 10.40
N LYS A 43 20.02 10.37 10.45
CA LYS A 43 18.91 10.00 11.34
C LYS A 43 19.12 10.30 12.84
N SER A 44 20.23 10.93 13.22
CA SER A 44 20.47 11.28 14.62
C SER A 44 19.62 12.51 15.01
N LEU A 45 19.22 12.60 16.28
CA LEU A 45 18.30 13.61 16.74
C LEU A 45 19.01 14.57 17.69
N GLU A 46 18.77 15.86 17.46
CA GLU A 46 19.39 16.92 18.27
C GLU A 46 18.36 17.93 18.81
N TRP A 47 18.29 18.03 20.13
CA TRP A 47 17.31 18.94 20.74
C TRP A 47 17.81 20.35 20.65
N ILE A 48 16.95 21.25 20.20
CA ILE A 48 17.31 22.64 19.98
C ILE A 48 16.89 23.49 21.18
N GLY A 49 15.67 23.26 21.65
CA GLY A 49 15.13 24.06 22.74
C GLY A 49 13.65 23.82 22.99
N ALA A 50 13.14 24.50 24.01
CA ALA A 50 11.77 24.35 24.40
C ALA A 50 11.28 25.70 24.93
N ILE A 51 10.00 25.96 24.70
CA ILE A 51 9.37 27.18 25.22
C ILE A 51 8.09 26.81 25.97
N ASP A 52 7.82 27.49 27.08
CA ASP A 52 6.55 27.32 27.81
C ASP A 52 5.48 28.27 27.25
N PRO A 53 4.41 27.72 26.66
CA PRO A 53 3.33 28.48 26.03
C PRO A 53 2.66 29.43 27.01
N TYR A 54 2.70 29.08 28.28
CA TYR A 54 1.98 29.83 29.34
C TYR A 54 2.61 31.20 29.67
N TYR A 55 3.82 31.16 30.24
CA TYR A 55 4.49 32.36 30.73
C TYR A 55 5.60 32.78 29.75
N GLY A 56 5.89 31.92 28.76
CA GLY A 56 6.79 32.24 27.67
C GLY A 56 8.27 31.99 27.93
N GLY A 57 8.59 31.40 29.06
CA GLY A 57 9.96 31.08 29.40
C GLY A 57 10.53 30.06 28.40
N THR A 58 11.85 29.96 28.34
CA THR A 58 12.52 29.10 27.39
C THR A 58 13.72 28.41 28.01
N SER A 59 14.13 27.31 27.37
CA SER A 59 15.38 26.65 27.68
C SER A 59 16.03 26.31 26.35
N TYR A 60 17.26 26.78 26.13
CA TYR A 60 17.92 26.51 24.87
C TYR A 60 19.13 25.62 24.99
N ASN A 61 19.37 24.81 23.97
CA ASN A 61 20.62 24.05 23.84
C ASN A 61 21.71 25.08 23.62
N GLN A 62 22.69 25.11 24.54
CA GLN A 62 23.75 26.10 24.49
C GLN A 62 24.49 26.08 23.15
N LYS A 63 24.55 24.91 22.54
CA LYS A 63 25.35 24.69 21.33
C LYS A 63 24.86 25.49 20.15
N PHE A 64 23.65 26.01 20.24
CA PHE A 64 23.17 26.83 19.16
C PHE A 64 23.66 28.28 19.28
N LYS A 65 24.21 28.65 20.44
CA LYS A 65 24.80 29.98 20.61
C LYS A 65 23.85 31.15 20.33
N GLY A 66 22.61 30.99 20.73
CA GLY A 66 21.60 32.00 20.54
C GLY A 66 21.23 32.24 19.07
N ARG A 67 21.65 31.35 18.15
CA ARG A 67 21.14 31.45 16.76
C ARG A 67 19.66 31.09 16.70
N ALA A 68 19.21 30.39 17.73
CA ALA A 68 17.83 29.90 17.76
C ALA A 68 16.96 30.78 18.64
N THR A 69 15.75 31.06 18.15
CA THR A 69 14.76 31.84 18.86
C THR A 69 13.41 31.19 18.73
N LEU A 70 12.85 30.83 19.90
CA LEU A 70 11.54 30.21 19.99
C LEU A 70 10.56 31.24 20.50
N THR A 71 9.39 31.27 19.85
CA THR A 71 8.29 32.12 20.28
C THR A 71 6.98 31.35 20.19
N VAL A 72 5.98 31.86 20.89
CA VAL A 72 4.62 31.39 20.76
C VAL A 72 3.69 32.55 20.53
N ASP A 73 2.72 32.33 19.66
CA ASP A 73 1.59 33.22 19.52
C ASP A 73 0.43 32.54 20.25
N LYS A 74 0.25 32.90 21.51
CA LYS A 74 -0.85 32.39 22.33
C LYS A 74 -2.22 32.59 21.66
N SER A 75 -2.45 33.76 21.06
CA SER A 75 -3.73 34.04 20.42
C SER A 75 -4.11 33.08 19.26
N SER A 76 -3.15 32.35 18.71
CA SER A 76 -3.41 31.46 17.56
C SER A 76 -2.95 30.01 17.76
N SER A 77 -2.58 29.65 18.98
CA SER A 77 -2.09 28.32 19.30
C SER A 77 -0.94 27.90 18.37
N THR A 78 -0.09 28.87 18.01
CA THR A 78 1.02 28.64 17.09
C THR A 78 2.40 28.84 17.75
N ALA A 79 3.29 27.85 17.61
CA ALA A 79 4.67 28.00 18.04
C ALA A 79 5.56 28.22 16.84
N TYR A 80 6.64 28.96 17.05
CA TYR A 80 7.61 29.25 15.99
C TYR A 80 9.04 29.01 16.40
N MET A 81 9.85 28.61 15.43
CA MET A 81 11.29 28.45 15.64
C MET A 81 11.94 29.26 14.55
N HIS A 82 12.87 30.12 14.96
CA HIS A 82 13.60 30.98 14.04
C HIS A 82 15.05 30.58 14.25
N LEU A 83 15.76 30.32 13.15
CA LEU A 83 17.20 30.00 13.25
C LEU A 83 17.96 30.88 12.25
N LYS A 84 18.97 31.59 12.75
CA LYS A 84 19.72 32.54 11.95
C LYS A 84 21.15 32.03 11.65
N SER A 85 21.83 32.78 10.79
CA SER A 85 23.21 32.51 10.37
C SER A 85 23.34 31.07 9.90
N LEU A 86 22.46 30.69 8.98
CA LEU A 86 22.38 29.32 8.52
C LEU A 86 23.63 28.88 7.78
N THR A 87 24.01 27.62 8.00
CA THR A 87 25.03 26.98 7.16
C THR A 87 24.52 25.62 6.72
N SER A 88 25.28 24.97 5.87
CA SER A 88 24.86 23.71 5.30
C SER A 88 24.63 22.70 6.43
N GLU A 89 25.36 22.86 7.54
N GLU A 89 25.35 22.88 7.54
CA GLU A 89 25.20 22.00 8.71
CA GLU A 89 25.22 22.01 8.72
C GLU A 89 23.77 21.96 9.25
C GLU A 89 23.97 22.27 9.57
N ASP A 90 23.02 23.02 9.02
CA ASP A 90 21.69 23.21 9.57
C ASP A 90 20.65 22.60 8.68
N SER A 91 21.07 22.07 7.52
CA SER A 91 20.14 21.30 6.67
C SER A 91 19.68 20.03 7.42
N ALA A 92 18.38 19.89 7.62
CA ALA A 92 17.83 18.83 8.43
C ALA A 92 16.30 18.85 8.36
N VAL A 93 15.67 17.84 8.95
CA VAL A 93 14.24 17.87 9.15
C VAL A 93 14.05 18.36 10.60
N TYR A 94 13.21 19.38 10.78
CA TYR A 94 12.93 20.04 12.07
C TYR A 94 11.54 19.59 12.56
N TYR A 95 11.45 19.16 13.83
CA TYR A 95 10.17 18.74 14.39
C TYR A 95 9.84 19.60 15.58
N CYS A 96 8.58 19.91 15.74
CA CYS A 96 8.03 20.42 17.00
C CYS A 96 7.53 19.24 17.80
N VAL A 97 7.67 19.31 19.11
CA VAL A 97 7.30 18.18 19.96
C VAL A 97 6.65 18.70 21.23
N SER A 98 5.37 18.41 21.38
CA SER A 98 4.60 18.93 22.50
C SER A 98 4.79 18.08 23.73
N GLY A 99 5.42 18.67 24.75
CA GLY A 99 5.68 17.99 26.03
C GLY A 99 6.55 16.74 25.85
N MET A 100 7.23 16.67 24.70
CA MET A 100 8.07 15.51 24.29
C MET A 100 7.26 14.24 24.06
N GLU A 101 5.95 14.41 23.93
CA GLU A 101 5.06 13.26 23.68
C GLU A 101 4.62 13.13 22.24
N TYR A 102 4.19 14.24 21.65
CA TYR A 102 3.59 14.22 20.32
C TYR A 102 4.42 15.05 19.38
N TRP A 103 4.69 14.47 18.21
CA TRP A 103 5.63 15.06 17.25
C TRP A 103 4.88 15.58 16.07
N GLY A 104 5.27 16.74 15.56
CA GLY A 104 4.70 17.16 14.31
C GLY A 104 5.24 16.30 13.15
N GLN A 105 4.78 16.61 11.94
CA GLN A 105 5.15 15.88 10.77
C GLN A 105 6.54 16.20 10.24
N GLY A 106 7.18 17.25 10.75
CA GLY A 106 8.54 17.59 10.36
C GLY A 106 8.57 18.63 9.24
N THR A 107 9.59 19.47 9.23
CA THR A 107 9.79 20.46 8.17
C THR A 107 11.19 20.32 7.63
N SER A 108 11.32 20.10 6.31
CA SER A 108 12.61 19.98 5.66
C SER A 108 13.18 21.38 5.50
N VAL A 109 14.43 21.57 5.94
CA VAL A 109 15.15 22.79 5.70
C VAL A 109 16.45 22.47 4.93
N THR A 110 16.62 23.09 3.77
CA THR A 110 17.78 22.85 2.93
C THR A 110 18.53 24.18 2.85
N VAL A 111 19.77 24.17 3.26
CA VAL A 111 20.57 25.36 3.19
C VAL A 111 21.51 25.18 2.06
N SER A 112 21.36 26.00 1.02
CA SER A 112 22.26 25.87 -0.13
C SER A 112 22.40 27.13 -0.94
N SER A 113 23.57 27.32 -1.55
CA SER A 113 23.81 28.45 -2.44
C SER A 113 23.30 28.19 -3.88
N ALA A 114 22.87 26.97 -4.16
CA ALA A 114 22.50 26.60 -5.52
C ALA A 114 21.27 27.32 -6.03
N LYS A 115 21.20 27.56 -7.35
CA LYS A 115 20.01 28.15 -7.95
C LYS A 115 19.24 27.04 -8.63
N THR A 116 17.99 27.30 -8.99
CA THR A 116 17.15 26.29 -9.62
C THR A 116 17.82 25.86 -10.90
N THR A 117 17.87 24.55 -11.13
CA THR A 117 18.68 23.98 -12.22
C THR A 117 17.97 22.74 -12.80
N ALA A 118 17.77 22.71 -14.11
CA ALA A 118 17.09 21.58 -14.71
C ALA A 118 18.08 20.40 -14.72
N PRO A 119 17.58 19.16 -14.57
CA PRO A 119 18.53 18.05 -14.72
C PRO A 119 18.76 17.70 -16.17
N SER A 120 19.82 16.95 -16.42
CA SER A 120 19.97 16.26 -17.68
C SER A 120 19.49 14.83 -17.41
N VAL A 121 18.79 14.25 -18.37
CA VAL A 121 18.24 12.92 -18.20
C VAL A 121 18.88 12.00 -19.22
N TYR A 122 19.51 10.93 -18.76
CA TYR A 122 20.25 10.07 -19.66
C TYR A 122 19.74 8.63 -19.60
N PRO A 123 19.54 7.99 -20.77
CA PRO A 123 19.19 6.58 -20.76
C PRO A 123 20.42 5.72 -20.53
N LEU A 124 20.21 4.61 -19.81
CA LEU A 124 21.29 3.72 -19.45
C LEU A 124 20.98 2.39 -20.10
N ALA A 125 21.64 2.13 -21.23
CA ALA A 125 21.45 0.88 -21.94
C ALA A 125 22.55 -0.14 -21.65
N PRO A 126 22.17 -1.41 -21.50
CA PRO A 126 23.10 -2.49 -21.14
C PRO A 126 24.18 -2.77 -22.16
N VAL A 127 25.17 -3.53 -21.70
CA VAL A 127 26.32 -3.96 -22.48
C VAL A 127 27.28 -2.80 -22.65
N THR A 132 21.64 -11.16 -15.18
CA THR A 132 20.65 -11.48 -16.22
C THR A 132 20.47 -12.97 -16.31
N GLY A 133 19.43 -13.52 -15.68
CA GLY A 133 19.08 -14.92 -15.88
C GLY A 133 18.07 -15.03 -17.01
N SER A 134 16.80 -14.90 -16.64
CA SER A 134 15.72 -14.69 -17.58
C SER A 134 15.52 -13.18 -17.83
N SER A 135 16.29 -12.34 -17.13
CA SER A 135 16.01 -10.89 -17.09
C SER A 135 17.13 -9.96 -17.59
N VAL A 136 16.76 -8.73 -17.95
CA VAL A 136 17.73 -7.68 -18.32
C VAL A 136 17.43 -6.40 -17.53
N THR A 137 18.47 -5.65 -17.21
CA THR A 137 18.31 -4.43 -16.39
C THR A 137 18.67 -3.20 -17.19
N LEU A 138 17.79 -2.20 -17.09
CA LEU A 138 17.93 -0.93 -17.73
C LEU A 138 17.88 0.19 -16.66
N GLY A 139 18.28 1.40 -17.03
CA GLY A 139 18.27 2.47 -16.05
C GLY A 139 18.14 3.82 -16.67
N CYS A 140 18.14 4.82 -15.81
CA CYS A 140 17.87 6.21 -16.19
C CYS A 140 18.64 7.06 -15.20
N LEU A 141 19.38 8.04 -15.69
CA LEU A 141 20.22 8.84 -14.83
C LEU A 141 19.74 10.27 -14.89
N VAL A 142 19.33 10.81 -13.74
CA VAL A 142 18.79 12.17 -13.68
C VAL A 142 19.80 13.01 -12.93
N LYS A 143 20.57 13.80 -13.67
CA LYS A 143 21.81 14.39 -13.16
C LYS A 143 21.77 15.92 -13.06
N GLY A 144 22.16 16.45 -11.90
CA GLY A 144 22.42 17.88 -11.76
C GLY A 144 21.19 18.74 -11.69
N TYR A 145 20.26 18.42 -10.77
CA TYR A 145 19.11 19.29 -10.58
C TYR A 145 19.08 19.96 -9.20
N PHE A 146 18.27 21.01 -9.14
CA PHE A 146 18.02 21.71 -7.89
C PHE A 146 16.76 22.56 -8.03
N PRO A 147 15.90 22.61 -6.99
CA PRO A 147 15.94 21.83 -5.74
C PRO A 147 15.20 20.51 -5.96
N GLU A 148 15.12 19.72 -4.91
CA GLU A 148 14.19 18.62 -4.84
C GLU A 148 12.76 19.18 -4.91
N PRO A 149 11.81 18.36 -5.37
CA PRO A 149 11.97 16.97 -5.80
C PRO A 149 11.89 16.75 -7.31
N VAL A 150 12.21 15.53 -7.72
CA VAL A 150 11.86 15.01 -9.04
C VAL A 150 10.94 13.82 -8.89
N THR A 151 10.15 13.52 -9.92
CA THR A 151 9.46 12.23 -9.98
C THR A 151 9.90 11.48 -11.24
N LEU A 152 9.96 10.16 -11.12
CA LEU A 152 10.42 9.32 -12.20
C LEU A 152 9.57 8.06 -12.26
N THR A 153 9.11 7.72 -13.46
CA THR A 153 8.44 6.43 -13.71
C THR A 153 8.95 5.79 -14.99
N TRP A 154 8.60 4.51 -15.15
CA TRP A 154 8.92 3.74 -16.34
C TRP A 154 7.63 3.34 -17.05
N ASN A 155 7.69 3.32 -18.38
CA ASN A 155 6.51 3.17 -19.27
C ASN A 155 5.22 3.58 -18.58
N SER A 156 5.26 4.82 -18.07
CA SER A 156 4.18 5.48 -17.32
C SER A 156 3.58 4.64 -16.19
N GLY A 157 4.42 3.96 -15.42
CA GLY A 157 3.95 3.13 -14.34
C GLY A 157 3.68 1.70 -14.76
N SER A 158 3.60 1.47 -16.07
CA SER A 158 3.38 0.13 -16.62
C SER A 158 4.32 -0.88 -15.97
N LEU A 159 5.60 -0.53 -15.92
CA LEU A 159 6.57 -1.27 -15.15
C LEU A 159 6.67 -0.56 -13.80
N SER A 160 6.35 -1.26 -12.74
CA SER A 160 6.56 -0.75 -11.39
C SER A 160 7.18 -1.87 -10.56
N SER A 161 6.82 -3.11 -10.89
CA SER A 161 7.44 -4.28 -10.28
C SER A 161 8.89 -4.22 -10.70
N GLY A 162 9.79 -4.67 -9.84
CA GLY A 162 11.21 -4.62 -10.15
C GLY A 162 11.77 -3.29 -10.65
N VAL A 163 11.24 -2.18 -10.16
CA VAL A 163 11.90 -0.89 -10.34
C VAL A 163 12.62 -0.59 -9.04
N HIS A 164 13.80 0.01 -9.13
CA HIS A 164 14.49 0.58 -7.97
C HIS A 164 14.86 2.02 -8.28
N THR A 165 14.21 2.95 -7.58
CA THR A 165 14.54 4.35 -7.70
C THR A 165 15.27 4.78 -6.42
N PHE A 166 16.51 5.26 -6.57
CA PHE A 166 17.41 5.45 -5.46
C PHE A 166 17.24 6.86 -4.91
N PRO A 167 17.45 7.02 -3.60
CA PRO A 167 17.41 8.38 -3.00
C PRO A 167 18.37 9.30 -3.71
N ALA A 168 17.94 10.54 -3.96
CA ALA A 168 18.82 11.56 -4.48
C ALA A 168 19.90 11.79 -3.49
N VAL A 169 21.07 12.08 -4.03
CA VAL A 169 22.21 12.46 -3.27
C VAL A 169 22.79 13.75 -3.86
N LEU A 170 23.36 14.54 -2.97
CA LEU A 170 23.73 15.91 -3.24
C LEU A 170 25.21 16.04 -3.51
N GLN A 171 25.67 15.49 -4.63
CA GLN A 171 27.05 15.64 -5.05
C GLN A 171 27.29 17.11 -5.37
N SER A 172 27.76 17.82 -4.34
CA SER A 172 27.80 19.29 -4.27
C SER A 172 27.86 20.02 -5.60
N ASP A 173 26.93 20.94 -5.84
CA ASP A 173 25.84 21.29 -4.90
C ASP A 173 24.51 21.05 -5.61
N LEU A 174 24.49 20.02 -6.46
CA LEU A 174 23.27 19.68 -7.18
C LEU A 174 22.88 18.24 -6.84
N TYR A 175 21.62 17.89 -7.12
CA TYR A 175 21.17 16.55 -6.84
C TYR A 175 21.32 15.68 -8.03
N THR A 176 21.58 14.40 -7.79
CA THR A 176 21.55 13.38 -8.84
C THR A 176 20.75 12.20 -8.34
N LEU A 177 19.94 11.62 -9.23
CA LEU A 177 19.15 10.47 -8.88
C LEU A 177 19.28 9.44 -9.99
N SER A 178 19.14 8.18 -9.65
CA SER A 178 19.06 7.15 -10.69
C SER A 178 17.98 6.16 -10.40
N SER A 179 17.66 5.37 -11.43
CA SER A 179 16.61 4.39 -11.35
C SER A 179 16.93 3.25 -12.29
N SER A 180 16.73 2.03 -11.82
CA SER A 180 16.87 0.83 -12.66
C SER A 180 15.51 0.13 -12.85
N VAL A 181 15.34 -0.54 -13.98
CA VAL A 181 14.15 -1.32 -14.22
C VAL A 181 14.60 -2.69 -14.75
N THR A 182 13.98 -3.74 -14.23
CA THR A 182 14.34 -5.11 -14.56
C THR A 182 13.13 -5.79 -15.23
N VAL A 183 13.30 -6.26 -16.47
CA VAL A 183 12.24 -6.91 -17.20
C VAL A 183 12.70 -8.27 -17.78
N THR A 184 11.78 -9.02 -18.34
CA THR A 184 12.13 -10.30 -19.02
C THR A 184 13.06 -10.04 -20.21
N SER A 185 14.17 -10.76 -20.29
CA SER A 185 15.19 -10.45 -21.30
C SER A 185 14.72 -10.57 -22.76
N SER A 186 13.69 -11.35 -23.02
CA SER A 186 13.25 -11.54 -24.41
C SER A 186 12.51 -10.30 -24.88
N THR A 187 12.06 -9.46 -23.95
CA THR A 187 11.12 -8.39 -24.30
C THR A 187 11.78 -7.06 -24.66
N TRP A 188 13.09 -6.97 -24.48
CA TRP A 188 13.83 -5.76 -24.83
C TRP A 188 15.11 -6.12 -25.58
N PRO A 189 15.38 -5.48 -26.73
CA PRO A 189 14.80 -4.24 -27.27
C PRO A 189 13.55 -4.42 -28.10
N SER A 190 13.05 -5.64 -28.23
CA SER A 190 11.86 -5.88 -29.05
C SER A 190 10.67 -5.02 -28.63
N GLN A 191 10.62 -4.63 -27.35
CA GLN A 191 9.57 -3.72 -26.87
C GLN A 191 10.22 -2.44 -26.30
N SER A 192 9.59 -1.29 -26.53
CA SER A 192 10.14 -0.02 -26.08
C SER A 192 10.10 0.17 -24.56
N ILE A 193 11.21 0.59 -23.98
CA ILE A 193 11.23 1.02 -22.57
C ILE A 193 11.64 2.49 -22.50
N THR A 194 10.89 3.27 -21.74
CA THR A 194 11.11 4.71 -21.61
C THR A 194 11.06 5.25 -20.15
N CYS A 195 12.02 6.11 -19.80
CA CYS A 195 12.10 6.76 -18.48
C CYS A 195 11.33 8.07 -18.58
N ASN A 196 10.34 8.31 -17.70
CA ASN A 196 9.60 9.59 -17.67
C ASN A 196 9.99 10.38 -16.43
N VAL A 197 10.50 11.59 -16.64
CA VAL A 197 11.04 12.37 -15.54
C VAL A 197 10.40 13.74 -15.54
N ALA A 198 10.07 14.22 -14.34
CA ALA A 198 9.54 15.56 -14.17
C ALA A 198 10.30 16.29 -13.05
N HIS A 199 10.59 17.58 -13.26
CA HIS A 199 11.26 18.41 -12.23
C HIS A 199 10.55 19.74 -12.33
N PRO A 200 9.49 19.90 -11.51
CA PRO A 200 8.57 21.03 -11.69
C PRO A 200 9.25 22.36 -11.50
N ALA A 201 10.19 22.43 -10.56
CA ALA A 201 10.82 23.70 -10.27
C ALA A 201 11.43 24.32 -11.54
N SER A 202 11.89 23.47 -12.45
CA SER A 202 12.50 23.94 -13.70
C SER A 202 11.61 23.73 -14.92
N SER A 203 10.36 23.36 -14.70
CA SER A 203 9.45 23.10 -15.81
C SER A 203 10.00 21.99 -16.72
N THR A 204 10.66 21.01 -16.11
CA THR A 204 11.22 19.92 -16.85
C THR A 204 10.25 18.73 -16.90
N LYS A 205 9.92 18.29 -18.11
CA LYS A 205 9.21 17.04 -18.29
C LYS A 205 9.84 16.40 -19.48
N VAL A 206 10.46 15.24 -19.31
CA VAL A 206 11.11 14.56 -20.42
C VAL A 206 10.81 13.09 -20.42
N ASP A 207 10.72 12.50 -21.61
CA ASP A 207 10.70 11.06 -21.71
C ASP A 207 11.89 10.58 -22.55
N LYS A 208 12.69 9.67 -21.98
CA LYS A 208 13.85 9.10 -22.69
C LYS A 208 13.66 7.64 -22.96
N LYS A 209 13.60 7.28 -24.23
CA LYS A 209 13.53 5.88 -24.60
C LYS A 209 14.95 5.32 -24.52
N ILE A 210 15.08 4.13 -23.93
CA ILE A 210 16.37 3.48 -23.86
C ILE A 210 16.62 2.64 -25.13
N GLU A 211 17.71 2.93 -25.84
CA GLU A 211 17.98 2.28 -27.14
C GLU A 211 19.19 1.35 -27.01
N PRO A 212 19.23 0.26 -27.83
CA PRO A 212 20.20 -0.84 -27.66
C PRO A 212 21.68 -0.41 -27.59
N ASP B 1 27.06 17.39 28.57
CA ASP B 1 25.77 16.77 28.14
C ASP B 1 25.84 15.26 28.30
N VAL B 2 24.68 14.64 28.48
CA VAL B 2 24.62 13.18 28.67
C VAL B 2 24.65 12.52 27.31
N VAL B 3 25.61 11.62 27.15
CA VAL B 3 25.74 10.86 25.91
C VAL B 3 24.98 9.56 26.07
N MET B 4 24.14 9.28 25.07
CA MET B 4 23.29 8.11 25.04
C MET B 4 23.80 7.18 23.96
N THR B 5 24.14 5.97 24.37
CA THR B 5 24.72 4.98 23.47
C THR B 5 23.79 3.80 23.36
N GLN B 6 23.27 3.59 22.15
CA GLN B 6 22.39 2.45 21.90
C GLN B 6 23.12 1.33 21.18
N THR B 7 22.76 0.10 21.52
CA THR B 7 23.29 -1.04 20.79
C THR B 7 22.22 -2.11 20.66
N PRO B 8 22.24 -2.86 19.53
CA PRO B 8 23.18 -2.68 18.42
C PRO B 8 22.64 -1.56 17.55
N LEU B 9 23.31 -1.22 16.45
CA LEU B 9 22.84 -0.17 15.55
C LEU B 9 21.75 -0.72 14.61
N SER B 10 21.87 -2.00 14.29
CA SER B 10 20.89 -2.69 13.45
C SER B 10 20.59 -4.02 14.07
N LEU B 11 19.34 -4.44 13.98
CA LEU B 11 18.95 -5.71 14.54
C LEU B 11 17.98 -6.40 13.60
N PRO B 12 18.47 -7.39 12.84
CA PRO B 12 17.53 -8.15 12.03
C PRO B 12 16.73 -9.12 12.87
N VAL B 13 15.44 -9.24 12.57
CA VAL B 13 14.57 -10.16 13.29
C VAL B 13 13.59 -10.84 12.34
N SER B 14 13.10 -12.01 12.72
CA SER B 14 11.89 -12.54 12.10
C SER B 14 10.65 -12.17 12.87
N LEU B 15 9.53 -12.12 12.17
CA LEU B 15 8.31 -11.80 12.86
C LEU B 15 8.07 -12.90 13.85
N GLY B 16 7.65 -12.51 15.05
CA GLY B 16 7.43 -13.47 16.10
C GLY B 16 8.58 -13.67 17.07
N ASP B 17 9.80 -13.41 16.61
CA ASP B 17 11.00 -13.35 17.46
C ASP B 17 10.84 -12.38 18.63
N GLN B 18 11.66 -12.59 19.66
CA GLN B 18 11.80 -11.60 20.73
C GLN B 18 12.95 -10.73 20.27
N ALA B 19 12.87 -9.42 20.57
CA ALA B 19 13.97 -8.51 20.26
C ALA B 19 14.33 -7.65 21.47
N SER B 20 15.61 -7.29 21.56
CA SER B 20 16.13 -6.58 22.71
C SER B 20 17.15 -5.49 22.29
N ILE B 21 16.90 -4.25 22.72
CA ILE B 21 17.72 -3.09 22.39
C ILE B 21 18.20 -2.45 23.68
N SER B 22 19.49 -2.10 23.72
CA SER B 22 20.11 -1.50 24.90
C SER B 22 20.44 -0.01 24.72
N CYS B 23 20.40 0.70 25.84
CA CYS B 23 20.74 2.11 25.90
C CYS B 23 21.59 2.32 27.15
N ARG B 24 22.78 2.88 27.00
CA ARG B 24 23.63 3.22 28.14
C ARG B 24 23.83 4.74 28.17
N SER B 25 23.75 5.32 29.36
CA SER B 25 23.92 6.76 29.52
C SER B 25 25.25 7.01 30.20
N SER B 26 25.86 8.16 29.93
CA SER B 26 27.17 8.47 30.50
C SER B 26 27.06 8.90 31.94
N GLN B 27 25.84 9.20 32.40
CA GLN B 27 25.62 9.55 33.80
C GLN B 27 24.33 8.94 34.26
N SER B 28 24.19 8.78 35.56
CA SER B 28 22.94 8.31 36.12
C SER B 28 21.82 9.25 35.73
N LEU B 29 20.70 8.65 35.35
CA LEU B 29 19.54 9.38 34.94
C LEU B 29 18.53 9.38 36.07
N VAL B 30 18.96 8.99 37.27
CA VAL B 30 18.12 9.12 38.46
C VAL B 30 18.16 10.56 38.93
N HIS B 31 17.01 11.21 38.91
CA HIS B 31 16.92 12.61 39.28
C HIS B 31 16.96 12.74 40.81
N ARG B 32 17.16 13.98 41.28
CA ARG B 32 17.20 14.25 42.73
C ARG B 32 15.86 13.85 43.36
N ASN B 33 14.80 13.99 42.58
CA ASN B 33 13.45 13.72 43.05
C ASN B 33 13.10 12.24 43.02
N GLY B 34 14.10 11.42 42.71
CA GLY B 34 13.94 9.97 42.77
C GLY B 34 13.37 9.32 41.53
N ASN B 35 12.97 10.11 40.53
CA ASN B 35 12.49 9.52 39.27
C ASN B 35 13.61 9.34 38.24
N THR B 36 13.40 8.48 37.25
CA THR B 36 14.35 8.29 36.15
C THR B 36 13.71 8.63 34.80
N TYR B 37 14.16 9.73 34.21
CA TYR B 37 13.58 10.25 32.99
C TYR B 37 14.27 9.68 31.74
N LEU B 38 14.01 8.40 31.51
CA LEU B 38 14.51 7.65 30.36
C LEU B 38 13.31 7.19 29.55
N HIS B 39 13.34 7.47 28.26
CA HIS B 39 12.16 7.32 27.43
C HIS B 39 12.58 6.65 26.12
N TRP B 40 11.62 6.01 25.47
CA TRP B 40 11.86 5.31 24.19
C TRP B 40 10.86 5.74 23.15
N TYR B 41 11.35 6.02 21.94
CA TYR B 41 10.50 6.39 20.79
C TYR B 41 10.72 5.38 19.62
N LEU B 42 9.71 5.22 18.78
CA LEU B 42 9.84 4.47 17.53
C LEU B 42 9.50 5.43 16.39
N GLN B 43 10.37 5.43 15.40
CA GLN B 43 10.12 6.11 14.16
C GLN B 43 9.98 5.11 13.01
N LYS B 44 8.77 4.98 12.52
CA LYS B 44 8.53 4.14 11.35
C LYS B 44 9.01 4.83 10.09
N PRO B 45 9.27 4.03 9.03
CA PRO B 45 9.76 4.70 7.83
C PRO B 45 8.80 5.75 7.28
N GLY B 46 9.34 6.91 6.92
CA GLY B 46 8.53 7.95 6.34
C GLY B 46 7.71 8.75 7.33
N GLN B 47 7.87 8.47 8.62
CA GLN B 47 7.05 9.10 9.63
C GLN B 47 7.92 9.80 10.65
N SER B 48 7.19 10.50 11.50
CA SER B 48 7.81 11.14 12.64
CA SER B 48 7.79 11.15 12.65
C SER B 48 7.89 10.14 13.79
N PRO B 49 8.77 10.40 14.75
CA PRO B 49 8.81 9.49 15.89
C PRO B 49 7.53 9.51 16.69
N LYS B 50 7.27 8.42 17.42
CA LYS B 50 6.12 8.29 18.33
C LYS B 50 6.64 7.76 19.64
N LEU B 51 6.09 8.29 20.73
CA LEU B 51 6.46 7.83 22.07
C LEU B 51 5.91 6.43 22.38
N LEU B 52 6.80 5.55 22.81
CA LEU B 52 6.41 4.22 23.28
C LEU B 52 6.44 4.01 24.78
N ILE B 53 7.56 4.36 25.40
CA ILE B 53 7.77 4.14 26.84
C ILE B 53 8.30 5.41 27.49
N HIS B 54 7.72 5.78 28.63
CA HIS B 54 8.27 6.89 29.41
C HIS B 54 8.63 6.48 30.81
N LYS B 55 9.60 7.20 31.37
CA LYS B 55 10.11 6.90 32.69
C LYS B 55 10.36 5.41 32.83
N VAL B 56 11.21 4.92 31.94
CA VAL B 56 11.78 3.55 31.99
C VAL B 56 10.85 2.47 31.55
N SER B 57 9.66 2.40 32.14
CA SER B 57 8.81 1.22 31.98
C SER B 57 7.34 1.50 31.72
N ASN B 58 6.95 2.78 31.67
CA ASN B 58 5.53 3.08 31.47
C ASN B 58 5.13 3.13 30.01
N ARG B 59 4.22 2.26 29.60
CA ARG B 59 3.76 2.31 28.19
C ARG B 59 2.87 3.55 27.95
N PHE B 60 3.12 4.24 26.84
CA PHE B 60 2.35 5.42 26.52
C PHE B 60 0.99 5.00 25.96
N SER B 61 0.04 5.92 26.01
CA SER B 61 -1.30 5.68 25.50
C SER B 61 -1.25 4.96 24.16
N GLY B 62 -1.98 3.85 24.08
CA GLY B 62 -2.09 3.14 22.82
C GLY B 62 -1.00 2.13 22.50
N VAL B 63 0.02 2.08 23.35
CA VAL B 63 1.17 1.19 23.09
C VAL B 63 0.86 -0.23 23.56
N PRO B 64 1.11 -1.25 22.72
CA PRO B 64 0.73 -2.60 23.18
C PRO B 64 1.66 -3.22 24.23
N ASP B 65 1.13 -4.24 24.89
CA ASP B 65 1.77 -4.95 25.98
C ASP B 65 3.06 -5.64 25.59
N ARG B 66 3.25 -5.94 24.31
CA ARG B 66 4.44 -6.69 23.93
C ARG B 66 5.70 -5.85 24.12
N PHE B 67 5.53 -4.53 24.22
CA PHE B 67 6.66 -3.66 24.53
C PHE B 67 6.82 -3.55 26.03
N SER B 68 8.05 -3.68 26.49
CA SER B 68 8.34 -3.54 27.91
C SER B 68 9.69 -2.89 28.09
N GLY B 69 9.76 -1.93 28.98
CA GLY B 69 11.00 -1.28 29.30
C GLY B 69 11.48 -1.66 30.67
N SER B 70 12.80 -1.74 30.82
CA SER B 70 13.40 -1.92 32.14
C SER B 70 14.78 -1.28 32.20
N GLY B 71 15.38 -1.41 33.38
CA GLY B 71 16.73 -0.93 33.64
C GLY B 71 16.78 0.10 34.75
N SER B 72 17.98 0.58 35.04
CA SER B 72 18.16 1.61 36.06
C SER B 72 19.54 2.25 35.98
N GLY B 73 19.68 3.41 36.60
CA GLY B 73 20.96 4.09 36.66
C GLY B 73 21.39 4.53 35.28
N THR B 74 22.25 3.76 34.67
CA THR B 74 22.78 4.11 33.37
C THR B 74 22.58 3.00 32.34
N ASP B 75 21.89 1.92 32.73
CA ASP B 75 21.68 0.75 31.88
C ASP B 75 20.19 0.45 31.65
N PHE B 76 19.78 0.46 30.39
CA PHE B 76 18.38 0.32 30.08
C PHE B 76 18.14 -0.59 28.88
N THR B 77 16.96 -1.19 28.84
CA THR B 77 16.64 -2.16 27.80
C THR B 77 15.17 -2.09 27.40
N LEU B 78 14.94 -2.07 26.09
CA LEU B 78 13.61 -2.17 25.53
C LEU B 78 13.51 -3.56 24.95
N LYS B 79 12.47 -4.28 25.35
CA LYS B 79 12.23 -5.63 24.85
C LYS B 79 10.89 -5.64 24.15
N ILE B 80 10.84 -6.33 23.02
CA ILE B 80 9.60 -6.62 22.32
C ILE B 80 9.44 -8.14 22.33
N SER B 81 8.35 -8.62 22.92
CA SER B 81 8.24 -10.05 23.23
C SER B 81 7.97 -10.93 22.01
N ARG B 82 7.16 -10.41 21.08
CA ARG B 82 6.84 -11.10 19.83
C ARG B 82 6.69 -10.05 18.71
N VAL B 83 7.75 -9.91 17.91
CA VAL B 83 7.80 -8.81 16.94
C VAL B 83 6.73 -8.91 15.84
N GLU B 84 6.07 -7.77 15.58
CA GLU B 84 5.17 -7.63 14.45
C GLU B 84 5.73 -6.68 13.39
N ALA B 85 5.18 -6.78 12.17
CA ALA B 85 5.63 -5.96 11.05
C ALA B 85 5.51 -4.48 11.40
N GLU B 86 4.43 -4.11 12.07
CA GLU B 86 4.19 -2.71 12.45
C GLU B 86 5.27 -2.17 13.40
N ASP B 87 6.09 -3.06 13.95
CA ASP B 87 7.16 -2.70 14.90
C ASP B 87 8.47 -2.34 14.24
N LEU B 88 8.58 -2.63 12.95
CA LEU B 88 9.84 -2.38 12.26
C LEU B 88 10.05 -0.86 12.12
N GLY B 89 11.26 -0.44 12.42
CA GLY B 89 11.65 0.95 12.37
C GLY B 89 12.88 1.25 13.19
N VAL B 90 13.04 2.53 13.56
CA VAL B 90 14.21 2.95 14.28
C VAL B 90 13.74 3.36 15.68
N TYR B 91 14.31 2.71 16.68
CA TYR B 91 14.07 2.97 18.10
C TYR B 91 15.12 3.91 18.63
N PHE B 92 14.71 4.98 19.33
CA PHE B 92 15.61 5.97 19.95
C PHE B 92 15.30 6.07 21.44
N CYS B 93 16.33 6.05 22.30
CA CYS B 93 16.14 6.36 23.70
C CYS B 93 16.40 7.84 23.88
N SER B 94 15.86 8.45 24.92
CA SER B 94 16.23 9.84 25.21
C SER B 94 16.24 10.04 26.70
N GLN B 95 16.95 11.07 27.18
CA GLN B 95 16.94 11.34 28.61
C GLN B 95 16.62 12.80 28.86
N SER B 96 15.85 13.06 29.92
CA SER B 96 15.50 14.42 30.29
C SER B 96 15.71 14.61 31.79
N THR B 97 16.67 13.86 32.34
CA THR B 97 17.02 14.04 33.75
C THR B 97 17.95 15.23 33.91
N HIS B 98 18.96 15.27 33.05
CA HIS B 98 19.96 16.31 33.06
C HIS B 98 19.80 17.19 31.84
N VAL B 99 19.25 18.38 32.04
CA VAL B 99 18.98 19.27 30.92
C VAL B 99 19.14 20.70 31.37
N PRO B 100 19.44 21.61 30.43
CA PRO B 100 19.58 21.30 28.99
C PRO B 100 20.96 20.77 28.69
N PRO B 101 21.14 20.04 27.57
CA PRO B 101 20.12 19.74 26.59
C PRO B 101 19.54 18.36 26.86
N LEU B 102 18.26 18.16 26.55
CA LEU B 102 17.71 16.84 26.34
C LEU B 102 18.57 16.13 25.28
N THR B 103 18.83 14.84 25.45
CA THR B 103 19.61 14.05 24.48
C THR B 103 19.01 12.70 24.10
N PHE B 104 19.45 12.19 22.95
CA PHE B 104 18.93 11.01 22.34
C PHE B 104 20.07 10.08 21.98
N GLY B 105 19.81 8.79 21.95
CA GLY B 105 20.70 7.86 21.32
C GLY B 105 20.63 8.01 19.81
N ALA B 106 21.50 7.30 19.08
CA ALA B 106 21.58 7.45 17.61
C ALA B 106 20.62 6.55 16.90
N GLY B 107 19.98 5.67 17.66
CA GLY B 107 18.95 4.84 17.11
C GLY B 107 19.38 3.45 16.72
N THR B 108 18.42 2.54 16.85
CA THR B 108 18.60 1.14 16.50
C THR B 108 17.55 0.79 15.47
N LYS B 109 18.00 0.23 14.35
CA LYS B 109 17.09 -0.07 13.29
C LYS B 109 16.64 -1.51 13.43
N LEU B 110 15.36 -1.71 13.69
CA LEU B 110 14.77 -3.06 13.66
C LEU B 110 14.35 -3.43 12.22
N GLU B 111 14.97 -4.47 11.65
CA GLU B 111 14.73 -4.85 10.25
C GLU B 111 14.40 -6.33 10.21
N LEU B 112 13.85 -6.75 9.07
CA LEU B 112 13.37 -8.10 8.86
C LEU B 112 14.51 -8.96 8.30
N LYS B 113 14.59 -10.19 8.80
CA LYS B 113 15.48 -11.17 8.25
C LYS B 113 14.92 -11.79 6.98
N ARG B 114 15.83 -12.21 6.13
CA ARG B 114 15.49 -13.08 5.02
C ARG B 114 16.73 -13.89 4.70
N ALA B 115 16.63 -14.85 3.78
CA ALA B 115 17.79 -15.62 3.40
C ALA B 115 18.80 -14.75 2.63
N ASP B 116 20.09 -15.02 2.79
CA ASP B 116 21.09 -14.24 2.06
C ASP B 116 20.89 -14.40 0.54
N ALA B 117 21.21 -13.33 -0.18
CA ALA B 117 21.02 -13.24 -1.63
C ALA B 117 22.12 -12.39 -2.24
N ALA B 118 22.76 -12.90 -3.28
CA ALA B 118 23.80 -12.14 -3.95
C ALA B 118 23.23 -11.00 -4.79
N PRO B 119 23.98 -9.91 -4.95
CA PRO B 119 23.40 -8.85 -5.77
C PRO B 119 23.45 -9.26 -7.23
N THR B 120 22.45 -8.80 -7.95
CA THR B 120 22.45 -8.72 -9.38
C THR B 120 23.12 -7.42 -9.79
N VAL B 121 24.25 -7.55 -10.47
CA VAL B 121 25.08 -6.41 -10.83
C VAL B 121 24.97 -6.11 -12.32
N SER B 122 24.64 -4.87 -12.65
CA SER B 122 24.59 -4.40 -14.04
C SER B 122 25.44 -3.15 -14.19
N ILE B 123 26.18 -3.05 -15.30
CA ILE B 123 27.05 -1.89 -15.53
C ILE B 123 26.67 -1.20 -16.83
N PHE B 124 26.78 0.11 -16.84
CA PHE B 124 26.28 0.93 -17.94
C PHE B 124 27.29 1.97 -18.38
N PRO B 125 27.68 1.92 -19.66
CA PRO B 125 28.52 3.00 -20.15
C PRO B 125 27.79 4.32 -20.24
N PRO B 126 28.54 5.41 -20.42
CA PRO B 126 27.89 6.70 -20.63
C PRO B 126 26.99 6.64 -21.85
N SER B 127 25.85 7.31 -21.82
CA SER B 127 25.00 7.47 -23.00
C SER B 127 25.65 8.41 -24.04
N SER B 128 25.25 8.30 -25.32
CA SER B 128 25.78 9.21 -26.35
C SER B 128 25.39 10.61 -26.00
N GLU B 129 24.16 10.72 -25.48
CA GLU B 129 23.60 12.00 -25.14
C GLU B 129 24.54 12.74 -24.18
N GLN B 130 25.04 12.04 -23.17
CA GLN B 130 25.94 12.66 -22.20
C GLN B 130 27.32 12.97 -22.80
N LEU B 131 27.84 12.04 -23.60
CA LEU B 131 29.16 12.26 -24.18
C LEU B 131 29.14 13.51 -25.07
N THR B 132 28.04 13.74 -25.76
CA THR B 132 27.90 14.96 -26.55
C THR B 132 28.16 16.19 -25.69
N SER B 133 27.68 16.13 -24.47
CA SER B 133 27.73 17.27 -23.57
C SER B 133 29.10 17.45 -22.91
N GLY B 134 30.00 16.50 -23.09
CA GLY B 134 31.34 16.59 -22.53
C GLY B 134 31.53 15.84 -21.23
N GLY B 135 30.47 15.17 -20.77
CA GLY B 135 30.54 14.40 -19.53
C GLY B 135 30.50 12.92 -19.83
N ALA B 136 30.89 12.10 -18.85
CA ALA B 136 30.77 10.67 -19.00
C ALA B 136 30.55 10.10 -17.60
N SER B 137 29.33 9.69 -17.28
CA SER B 137 29.08 8.94 -16.04
C SER B 137 28.95 7.45 -16.34
N VAL B 138 29.66 6.63 -15.58
CA VAL B 138 29.46 5.20 -15.69
C VAL B 138 28.68 4.76 -14.46
N VAL B 139 27.69 3.90 -14.65
CA VAL B 139 26.77 3.52 -13.59
C VAL B 139 26.79 2.04 -13.34
N CYS B 140 26.75 1.70 -12.07
CA CYS B 140 26.64 0.33 -11.63
C CYS B 140 25.46 0.18 -10.70
N PHE B 141 24.55 -0.77 -10.99
CA PHE B 141 23.51 -1.13 -10.03
C PHE B 141 23.88 -2.46 -9.38
N LEU B 142 23.68 -2.53 -8.06
CA LEU B 142 23.85 -3.82 -7.39
C LEU B 142 22.52 -4.05 -6.66
N ASN B 143 21.72 -4.95 -7.17
CA ASN B 143 20.29 -5.01 -6.83
C ASN B 143 19.82 -6.29 -6.13
N ASN B 144 18.90 -6.11 -5.19
CA ASN B 144 18.22 -7.19 -4.46
C ASN B 144 19.13 -8.14 -3.70
N PHE B 145 19.96 -7.57 -2.86
CA PHE B 145 20.92 -8.36 -2.13
C PHE B 145 20.52 -8.41 -0.66
N TYR B 146 21.15 -9.32 0.07
CA TYR B 146 20.97 -9.45 1.50
C TYR B 146 22.10 -10.34 2.04
N PRO B 147 22.72 -9.95 3.16
CA PRO B 147 22.37 -8.78 3.98
C PRO B 147 22.83 -7.45 3.40
N LYS B 148 22.65 -6.38 4.17
CA LYS B 148 22.76 -5.04 3.66
C LYS B 148 24.18 -4.49 3.49
N ASP B 149 25.16 -5.05 4.22
CA ASP B 149 26.52 -4.61 4.09
C ASP B 149 27.09 -4.99 2.72
N ILE B 150 27.68 -4.00 2.06
CA ILE B 150 28.25 -4.16 0.70
C ILE B 150 29.25 -3.07 0.44
N ASN B 151 30.26 -3.37 -0.37
CA ASN B 151 31.28 -2.40 -0.76
C ASN B 151 31.40 -2.38 -2.27
N VAL B 152 31.68 -1.22 -2.84
CA VAL B 152 31.94 -1.13 -4.29
C VAL B 152 33.23 -0.35 -4.49
N LYS B 153 34.05 -0.81 -5.42
CA LYS B 153 35.15 -0.02 -5.95
C LYS B 153 34.99 0.05 -7.48
N TRP B 154 35.49 1.13 -8.07
CA TRP B 154 35.62 1.28 -9.53
C TRP B 154 37.06 1.07 -9.92
N LYS B 155 37.29 0.24 -10.94
CA LYS B 155 38.62 -0.03 -11.42
C LYS B 155 38.63 0.16 -12.92
N ILE B 156 39.57 0.98 -13.38
CA ILE B 156 39.71 1.36 -14.76
C ILE B 156 41.12 1.02 -15.21
N ASP B 157 41.23 0.21 -16.26
CA ASP B 157 42.55 -0.26 -16.75
C ASP B 157 43.49 -0.72 -15.63
N GLY B 158 42.96 -1.39 -14.63
CA GLY B 158 43.80 -2.01 -13.61
C GLY B 158 44.14 -1.09 -12.44
N SER B 159 43.51 0.07 -12.36
CA SER B 159 43.72 1.00 -11.24
C SER B 159 42.38 1.51 -10.71
N GLU B 160 42.30 1.63 -9.39
CA GLU B 160 41.09 2.08 -8.73
C GLU B 160 40.97 3.57 -8.90
N ARG B 161 39.73 4.01 -9.06
CA ARG B 161 39.41 5.42 -9.14
C ARG B 161 38.39 5.68 -8.06
N GLN B 162 38.70 6.61 -7.17
CA GLN B 162 37.80 6.91 -6.04
C GLN B 162 37.20 8.31 -6.16
N ASN B 163 37.85 9.18 -6.92
CA ASN B 163 37.28 10.52 -7.15
C ASN B 163 36.09 10.53 -8.06
N GLY B 164 35.06 11.29 -7.70
CA GLY B 164 33.93 11.45 -8.59
C GLY B 164 32.93 10.31 -8.48
N VAL B 165 32.96 9.55 -7.40
CA VAL B 165 32.02 8.44 -7.23
C VAL B 165 30.88 8.91 -6.36
N LEU B 166 29.66 8.56 -6.79
CA LEU B 166 28.44 8.91 -6.06
C LEU B 166 27.59 7.67 -5.78
N ASN B 167 27.39 7.36 -4.52
CA ASN B 167 26.65 6.17 -4.11
C ASN B 167 25.30 6.49 -3.47
N SER B 168 24.32 5.64 -3.70
CA SER B 168 23.06 5.74 -3.01
C SER B 168 22.52 4.33 -2.71
N TRP B 169 21.90 4.16 -1.56
CA TRP B 169 21.44 2.85 -1.11
C TRP B 169 19.94 2.92 -0.87
N THR B 170 19.18 1.88 -1.17
CA THR B 170 17.77 1.93 -0.82
C THR B 170 17.66 1.45 0.63
N ASP B 171 16.49 1.70 1.19
CA ASP B 171 16.02 1.03 2.40
C ASP B 171 15.52 -0.39 2.07
N GLN B 172 15.37 -1.23 3.09
CA GLN B 172 14.87 -2.58 2.90
C GLN B 172 13.56 -2.61 2.11
N ASP B 173 13.47 -3.52 1.15
CA ASP B 173 12.35 -3.58 0.23
C ASP B 173 11.12 -4.19 0.89
N SER B 174 9.96 -3.56 0.66
CA SER B 174 8.72 -3.94 1.37
C SER B 174 8.23 -5.32 1.01
N LYS B 175 8.38 -5.68 -0.27
CA LYS B 175 7.98 -6.98 -0.76
C LYS B 175 8.98 -8.04 -0.35
N ASP B 176 10.20 -7.95 -0.89
CA ASP B 176 11.17 -9.04 -0.76
C ASP B 176 12.25 -8.89 0.31
N SER B 177 12.25 -7.80 1.08
CA SER B 177 13.19 -7.61 2.20
C SER B 177 14.67 -7.52 1.83
N THR B 178 14.97 -7.23 0.56
CA THR B 178 16.32 -7.02 0.05
C THR B 178 16.74 -5.54 0.05
N TYR B 179 18.01 -5.33 -0.23
CA TYR B 179 18.59 -4.01 -0.41
C TYR B 179 19.17 -3.86 -1.81
N SER B 180 19.38 -2.61 -2.22
CA SER B 180 19.94 -2.31 -3.52
C SER B 180 20.79 -1.09 -3.39
N MET B 181 21.70 -0.94 -4.33
CA MET B 181 22.65 0.13 -4.33
C MET B 181 22.94 0.59 -5.74
N SER B 182 23.25 1.87 -5.86
CA SER B 182 23.61 2.45 -7.15
C SER B 182 24.91 3.22 -6.92
N SER B 183 25.84 3.05 -7.86
CA SER B 183 27.13 3.72 -7.81
C SER B 183 27.37 4.37 -9.16
N THR B 184 27.67 5.65 -9.16
CA THR B 184 27.94 6.36 -10.41
C THR B 184 29.32 6.99 -10.32
N LEU B 185 30.11 6.76 -11.35
CA LEU B 185 31.43 7.35 -11.48
C LEU B 185 31.34 8.40 -12.58
N THR B 186 31.62 9.65 -12.24
CA THR B 186 31.58 10.75 -13.22
C THR B 186 32.98 11.22 -13.55
N LEU B 187 33.26 11.23 -14.86
CA LEU B 187 34.52 11.60 -15.44
C LEU B 187 34.22 12.61 -16.54
N THR B 188 35.23 13.30 -17.04
CA THR B 188 35.03 14.07 -18.26
C THR B 188 34.97 13.10 -19.43
N LYS B 189 34.45 13.57 -20.56
CA LYS B 189 34.53 12.79 -21.78
C LYS B 189 35.99 12.45 -22.14
N ASP B 190 36.87 13.45 -22.10
CA ASP B 190 38.29 13.20 -22.45
C ASP B 190 38.90 12.12 -21.54
N GLU B 191 38.52 12.12 -20.27
CA GLU B 191 39.06 11.15 -19.34
C GLU B 191 38.55 9.76 -19.67
N TYR B 192 37.24 9.68 -19.86
CA TYR B 192 36.60 8.43 -20.22
C TYR B 192 37.27 7.84 -21.46
N GLU B 193 37.57 8.70 -22.43
CA GLU B 193 38.08 8.25 -23.73
C GLU B 193 39.56 7.85 -23.66
N ARG B 194 40.22 8.22 -22.57
CA ARG B 194 41.62 7.87 -22.36
C ARG B 194 41.78 6.43 -21.84
N HIS B 195 40.68 5.76 -21.54
CA HIS B 195 40.76 4.40 -20.99
C HIS B 195 39.79 3.40 -21.63
N ASN B 196 40.08 2.11 -21.52
CA ASN B 196 39.28 1.09 -22.21
C ASN B 196 38.44 0.16 -21.34
N SER B 197 39.01 -0.28 -20.22
CA SER B 197 38.36 -1.30 -19.40
C SER B 197 37.78 -0.72 -18.13
N TYR B 198 36.46 -0.81 -17.98
CA TYR B 198 35.77 -0.30 -16.81
C TYR B 198 35.11 -1.39 -16.03
N THR B 199 35.35 -1.43 -14.72
CA THR B 199 34.83 -2.49 -13.87
C THR B 199 34.25 -1.93 -12.57
N CYS B 200 33.05 -2.40 -12.23
CA CYS B 200 32.40 -2.22 -10.94
C CYS B 200 32.72 -3.48 -10.13
N GLU B 201 33.36 -3.32 -8.98
CA GLU B 201 33.80 -4.48 -8.20
C GLU B 201 33.19 -4.40 -6.83
N ALA B 202 32.47 -5.45 -6.46
CA ALA B 202 31.82 -5.47 -5.15
C ALA B 202 32.32 -6.59 -4.22
N THR B 203 32.27 -6.33 -2.90
CA THR B 203 32.41 -7.39 -1.92
C THR B 203 31.11 -7.48 -1.15
N HIS B 204 30.72 -8.72 -0.88
CA HIS B 204 29.47 -9.02 -0.21
C HIS B 204 29.66 -10.35 0.49
N LYS B 205 28.92 -10.58 1.56
CA LYS B 205 28.98 -11.82 2.31
C LYS B 205 28.78 -13.06 1.43
N THR B 206 27.99 -12.94 0.37
CA THR B 206 27.64 -14.10 -0.45
C THR B 206 28.72 -14.67 -1.34
N SER B 207 29.86 -14.00 -1.42
CA SER B 207 31.01 -14.54 -2.11
C SER B 207 32.32 -14.21 -1.37
N THR B 208 33.21 -15.19 -1.31
CA THR B 208 34.54 -14.95 -0.76
C THR B 208 35.36 -14.05 -1.68
N SER B 209 35.11 -14.19 -2.98
CA SER B 209 35.76 -13.43 -4.04
C SER B 209 34.97 -12.17 -4.44
N PRO B 210 35.67 -11.17 -4.96
CA PRO B 210 34.89 -10.01 -5.42
C PRO B 210 33.97 -10.39 -6.57
N ILE B 211 32.92 -9.61 -6.68
CA ILE B 211 31.90 -9.77 -7.69
C ILE B 211 32.13 -8.63 -8.63
N VAL B 212 32.36 -8.95 -9.89
CA VAL B 212 32.75 -7.95 -10.89
C VAL B 212 31.79 -7.93 -12.06
N LYS B 213 31.48 -6.73 -12.54
CA LYS B 213 30.96 -6.53 -13.89
C LYS B 213 31.79 -5.49 -14.63
N SER B 214 32.11 -5.78 -15.89
CA SER B 214 33.02 -4.95 -16.64
C SER B 214 32.53 -4.75 -18.07
N PHE B 215 33.00 -3.69 -18.71
CA PHE B 215 32.87 -3.55 -20.17
C PHE B 215 34.12 -2.90 -20.70
N ASN B 216 34.34 -3.03 -22.01
CA ASN B 216 35.44 -2.39 -22.70
C ASN B 216 34.84 -1.37 -23.65
N ARG B 217 35.39 -0.16 -23.59
CA ARG B 217 34.85 1.02 -24.26
C ARG B 217 34.88 0.82 -25.79
N ARG C 1 3.99 24.44 30.27
CA ARG C 1 4.25 23.97 31.65
C ARG C 1 5.02 22.63 31.65
N CYS C 2 5.57 22.27 32.81
CA CYS C 2 6.26 20.99 32.98
C CYS C 2 5.29 19.84 32.79
N ASN C 3 5.75 18.80 32.10
CA ASN C 3 5.03 17.56 31.94
C ASN C 3 5.56 16.53 32.89
N PRO C 4 4.88 16.32 34.02
CA PRO C 4 5.50 15.49 35.04
C PRO C 4 5.69 14.06 34.54
N ASN C 5 5.00 13.66 33.49
CA ASN C 5 5.21 12.32 32.94
C ASN C 5 6.50 12.16 32.17
N MET C 6 7.15 13.27 31.82
CA MET C 6 8.35 13.24 30.98
C MET C 6 9.55 13.93 31.59
N GLU C 7 9.32 14.72 32.64
CA GLU C 7 10.36 15.54 33.20
C GLU C 7 9.97 15.86 34.65
N PRO C 8 10.92 16.38 35.41
CA PRO C 8 10.61 16.75 36.78
C PRO C 8 9.49 17.79 36.89
N PRO C 9 8.55 17.65 37.84
CA PRO C 9 7.51 18.67 38.03
C PRO C 9 8.03 20.07 38.32
N ARG C 10 9.24 20.16 38.88
CA ARG C 10 9.89 21.43 39.15
C ARG C 10 10.96 21.67 38.09
N CYS C 11 10.55 21.58 36.82
CA CYS C 11 11.47 21.78 35.71
C CYS C 11 11.67 23.28 35.48
N TRP C 12 12.53 23.59 34.54
CA TRP C 12 12.91 24.95 34.28
C TRP C 12 11.70 25.84 34.01
N ALA C 13 10.60 25.28 33.51
CA ALA C 13 9.42 26.12 33.20
C ALA C 13 8.55 26.44 34.43
N ALA C 14 8.77 25.74 35.54
CA ALA C 14 8.06 26.04 36.79
C ALA C 14 8.48 27.38 37.37
N VAL D 2 -25.89 -13.77 -30.30
CA VAL D 2 -26.55 -12.57 -29.76
C VAL D 2 -27.16 -12.80 -28.38
N GLN D 3 -28.35 -13.40 -28.32
CA GLN D 3 -29.03 -13.61 -27.04
C GLN D 3 -28.73 -14.98 -26.43
N LEU D 4 -28.48 -15.01 -25.12
CA LEU D 4 -28.12 -16.24 -24.41
C LEU D 4 -28.93 -16.40 -23.13
N LEU D 5 -29.24 -17.64 -22.77
CA LEU D 5 -29.95 -17.89 -21.54
C LEU D 5 -29.27 -18.97 -20.78
N GLN D 6 -28.88 -18.73 -19.56
CA GLN D 6 -28.20 -19.69 -18.71
C GLN D 6 -29.10 -20.17 -17.59
N SER D 7 -28.87 -21.36 -17.08
CA SER D 7 -29.72 -21.94 -16.03
C SER D 7 -29.46 -21.42 -14.61
N GLY D 8 -30.30 -21.79 -13.64
CA GLY D 8 -30.32 -21.15 -12.34
C GLY D 8 -29.19 -21.56 -11.44
N PRO D 9 -29.09 -20.90 -10.28
CA PRO D 9 -28.09 -21.17 -9.24
C PRO D 9 -28.09 -22.66 -8.89
N GLU D 10 -26.91 -23.20 -8.64
CA GLU D 10 -26.76 -24.59 -8.25
C GLU D 10 -26.01 -24.65 -6.94
N LEU D 11 -26.40 -25.64 -6.13
CA LEU D 11 -25.72 -26.00 -4.90
C LEU D 11 -25.40 -27.50 -5.00
N GLU D 12 -24.19 -27.88 -4.65
CA GLU D 12 -23.76 -29.27 -4.64
C GLU D 12 -22.78 -29.42 -3.49
N LYS D 13 -22.65 -30.64 -2.97
CA LYS D 13 -21.70 -30.92 -1.91
C LYS D 13 -20.35 -31.27 -2.53
N PRO D 14 -19.25 -31.06 -1.79
CA PRO D 14 -17.94 -31.51 -2.27
C PRO D 14 -17.84 -33.00 -2.62
N GLY D 15 -17.17 -33.28 -3.74
CA GLY D 15 -17.06 -34.62 -4.28
C GLY D 15 -18.13 -34.95 -5.34
N ALA D 16 -19.21 -34.18 -5.33
CA ALA D 16 -20.31 -34.38 -6.26
C ALA D 16 -20.00 -33.76 -7.62
N SER D 17 -21.03 -33.65 -8.47
CA SER D 17 -20.89 -33.07 -9.79
C SER D 17 -22.03 -32.06 -9.99
N VAL D 18 -21.92 -31.24 -11.03
CA VAL D 18 -22.99 -30.35 -11.40
C VAL D 18 -23.05 -30.30 -12.89
N MET D 19 -24.24 -30.05 -13.42
CA MET D 19 -24.41 -29.82 -14.83
C MET D 19 -25.23 -28.55 -15.05
N ILE D 20 -24.68 -27.61 -15.83
CA ILE D 20 -25.39 -26.38 -16.14
C ILE D 20 -25.56 -26.23 -17.65
N SER D 21 -26.45 -25.34 -18.08
CA SER D 21 -26.80 -25.25 -19.47
C SER D 21 -26.89 -23.80 -19.96
N CYS D 22 -26.83 -23.66 -21.27
CA CYS D 22 -26.81 -22.37 -21.94
C CYS D 22 -27.53 -22.55 -23.26
N LYS D 23 -28.61 -21.81 -23.47
CA LYS D 23 -29.30 -21.83 -24.76
C LYS D 23 -29.00 -20.55 -25.53
N ALA D 24 -28.68 -20.68 -26.81
CA ALA D 24 -28.41 -19.54 -27.69
C ALA D 24 -29.57 -19.32 -28.65
N TYR D 32 -21.04 -19.55 -33.89
CA TYR D 32 -19.71 -19.62 -33.31
C TYR D 32 -19.61 -20.65 -32.23
N ASN D 33 -18.38 -20.95 -31.81
CA ASN D 33 -18.15 -21.93 -30.77
C ASN D 33 -18.57 -21.43 -29.37
N MET D 34 -19.10 -22.35 -28.57
CA MET D 34 -19.57 -21.99 -27.24
C MET D 34 -18.43 -22.21 -26.27
N ASN D 35 -18.06 -21.13 -25.57
CA ASN D 35 -16.99 -21.16 -24.61
C ASN D 35 -17.54 -21.08 -23.20
N TRP D 36 -16.87 -21.73 -22.26
CA TRP D 36 -17.27 -21.66 -20.86
C TRP D 36 -16.12 -21.10 -20.04
N VAL D 37 -16.42 -20.10 -19.23
CA VAL D 37 -15.40 -19.38 -18.47
C VAL D 37 -15.98 -19.16 -17.08
N ARG D 38 -15.20 -19.38 -16.05
CA ARG D 38 -15.68 -19.15 -14.70
C ARG D 38 -14.95 -18.00 -14.03
N GLN D 39 -15.65 -17.37 -13.11
CA GLN D 39 -15.14 -16.19 -12.41
C GLN D 39 -15.36 -16.43 -10.94
N ASN D 40 -14.27 -16.56 -10.19
CA ASN D 40 -14.37 -16.98 -8.81
C ASN D 40 -14.69 -15.75 -7.97
N ILE D 41 -14.81 -15.94 -6.67
CA ILE D 41 -14.74 -14.81 -5.75
C ILE D 41 -13.29 -14.35 -5.84
N GLY D 42 -13.08 -13.06 -5.98
CA GLY D 42 -11.76 -12.55 -6.32
C GLY D 42 -11.84 -12.04 -7.74
N LYS D 43 -12.80 -12.59 -8.49
CA LYS D 43 -13.22 -12.05 -9.78
C LYS D 43 -12.28 -12.34 -10.95
N SER D 44 -11.35 -13.27 -10.77
CA SER D 44 -10.44 -13.58 -11.84
C SER D 44 -11.16 -14.50 -12.84
N LEU D 45 -10.71 -14.51 -14.08
CA LEU D 45 -11.39 -15.29 -15.13
C LEU D 45 -10.57 -16.47 -15.55
N GLU D 46 -11.22 -17.62 -15.63
CA GLU D 46 -10.57 -18.85 -16.00
C GLU D 46 -11.38 -19.56 -17.08
N TRP D 47 -10.76 -19.80 -18.23
CA TRP D 47 -11.41 -20.47 -19.36
C TRP D 47 -11.37 -21.97 -19.13
N ILE D 48 -12.52 -22.63 -19.28
CA ILE D 48 -12.65 -24.06 -19.00
C ILE D 48 -12.48 -24.87 -20.27
N GLY D 49 -13.16 -24.45 -21.31
CA GLY D 49 -13.03 -25.06 -22.62
C GLY D 49 -14.05 -24.51 -23.57
N ALA D 50 -14.13 -25.14 -24.73
CA ALA D 50 -15.08 -24.78 -25.76
C ALA D 50 -15.54 -25.99 -26.60
N ILE D 51 -16.72 -25.85 -27.19
CA ILE D 51 -17.29 -26.88 -28.04
C ILE D 51 -17.86 -26.30 -29.33
N ASP D 52 -17.64 -26.98 -30.45
CA ASP D 52 -18.30 -26.58 -31.70
C ASP D 52 -19.71 -27.14 -31.66
N PRO D 53 -20.71 -26.27 -31.70
CA PRO D 53 -22.09 -26.76 -31.54
C PRO D 53 -22.68 -27.54 -32.69
N TYR D 54 -22.07 -27.50 -33.87
CA TYR D 54 -22.55 -28.28 -35.01
C TYR D 54 -21.90 -29.65 -35.08
N TYR D 55 -20.58 -29.69 -35.18
CA TYR D 55 -19.83 -30.94 -35.25
C TYR D 55 -19.49 -31.55 -33.88
N GLY D 56 -19.56 -30.77 -32.80
CA GLY D 56 -19.34 -31.30 -31.47
C GLY D 56 -17.93 -31.52 -31.00
N GLY D 57 -16.95 -31.06 -31.76
CA GLY D 57 -15.57 -31.14 -31.33
C GLY D 57 -15.30 -30.19 -30.15
N THR D 58 -14.28 -30.48 -29.37
CA THR D 58 -13.99 -29.71 -28.15
C THR D 58 -12.54 -29.37 -27.94
N SER D 59 -12.31 -28.37 -27.08
CA SER D 59 -10.97 -28.08 -26.56
C SER D 59 -11.10 -27.78 -25.08
N TYR D 60 -10.26 -28.40 -24.26
CA TYR D 60 -10.32 -28.22 -22.82
C TYR D 60 -9.06 -27.65 -22.26
N ASN D 61 -9.20 -26.89 -21.20
CA ASN D 61 -8.08 -26.46 -20.39
C ASN D 61 -7.58 -27.67 -19.59
N GLN D 62 -6.29 -27.97 -19.72
CA GLN D 62 -5.73 -29.22 -19.16
C GLN D 62 -5.82 -29.17 -17.64
N LYS D 63 -5.89 -27.96 -17.08
CA LYS D 63 -5.92 -27.77 -15.63
C LYS D 63 -7.08 -28.52 -14.99
N PHE D 64 -8.14 -28.70 -15.78
CA PHE D 64 -9.34 -29.29 -15.25
C PHE D 64 -9.27 -30.82 -15.19
N LYS D 65 -8.19 -31.39 -15.75
CA LYS D 65 -7.91 -32.82 -15.61
C LYS D 65 -9.02 -33.70 -16.19
N GLY D 66 -9.73 -33.17 -17.19
CA GLY D 66 -10.91 -33.85 -17.69
C GLY D 66 -12.04 -33.97 -16.65
N ARG D 67 -11.92 -33.29 -15.50
CA ARG D 67 -13.05 -33.13 -14.58
C ARG D 67 -14.25 -32.47 -15.29
N ALA D 68 -14.00 -31.72 -16.37
CA ALA D 68 -15.04 -30.98 -17.08
C ALA D 68 -15.40 -31.68 -18.38
N THR D 69 -16.70 -31.68 -18.72
CA THR D 69 -17.19 -32.31 -19.94
C THR D 69 -18.18 -31.34 -20.56
N LEU D 70 -17.92 -30.95 -21.82
CA LEU D 70 -18.84 -30.10 -22.55
C LEU D 70 -19.57 -30.90 -23.60
N THR D 71 -20.86 -30.67 -23.69
CA THR D 71 -21.67 -31.37 -24.67
C THR D 71 -22.65 -30.37 -25.24
N VAL D 72 -23.34 -30.82 -26.28
CA VAL D 72 -24.39 -30.05 -26.90
C VAL D 72 -25.56 -30.95 -27.28
N ASP D 73 -26.79 -30.49 -27.03
CA ASP D 73 -27.97 -31.14 -27.59
C ASP D 73 -28.31 -30.43 -28.90
N LYS D 74 -28.14 -31.16 -29.99
CA LYS D 74 -28.31 -30.63 -31.33
C LYS D 74 -29.77 -30.59 -31.79
N SER D 75 -30.69 -30.84 -30.86
CA SER D 75 -32.12 -30.80 -31.14
C SER D 75 -32.74 -29.61 -30.43
N SER D 76 -32.25 -29.36 -29.21
CA SER D 76 -32.77 -28.28 -28.37
C SER D 76 -31.85 -27.05 -28.43
N SER D 77 -30.86 -27.09 -29.31
CA SER D 77 -29.85 -26.04 -29.40
C SER D 77 -29.36 -25.58 -28.02
N THR D 78 -28.91 -26.52 -27.18
CA THR D 78 -28.48 -26.22 -25.81
C THR D 78 -27.08 -26.77 -25.54
N ALA D 79 -26.25 -25.99 -24.87
CA ALA D 79 -24.88 -26.39 -24.54
C ALA D 79 -24.87 -26.69 -23.05
N TYR D 80 -24.12 -27.73 -22.64
CA TYR D 80 -24.04 -28.12 -21.23
C TYR D 80 -22.61 -28.21 -20.82
N MET D 81 -22.37 -27.80 -19.59
CA MET D 81 -21.11 -28.02 -18.96
C MET D 81 -21.31 -28.88 -17.72
N HIS D 82 -20.54 -29.95 -17.63
CA HIS D 82 -20.64 -30.88 -16.50
C HIS D 82 -19.28 -30.83 -15.82
N LEU D 83 -19.25 -30.77 -14.48
CA LEU D 83 -17.99 -30.70 -13.75
C LEU D 83 -18.09 -31.65 -12.55
N LYS D 84 -17.12 -32.56 -12.42
CA LYS D 84 -17.14 -33.52 -11.29
C LYS D 84 -16.00 -33.33 -10.30
N SER D 85 -16.03 -34.15 -9.23
CA SER D 85 -15.08 -34.07 -8.13
C SER D 85 -14.95 -32.63 -7.63
N LEU D 86 -16.10 -32.05 -7.29
CA LEU D 86 -16.21 -30.64 -6.89
C LEU D 86 -15.60 -30.40 -5.55
N THR D 87 -15.05 -29.21 -5.38
CA THR D 87 -14.55 -28.77 -4.10
C THR D 87 -14.89 -27.31 -4.03
N SER D 88 -14.81 -26.76 -2.82
CA SER D 88 -15.15 -25.37 -2.59
C SER D 88 -14.49 -24.42 -3.60
N GLU D 89 -13.31 -24.80 -4.10
CA GLU D 89 -12.59 -23.96 -5.07
C GLU D 89 -13.37 -23.76 -6.36
N ASP D 90 -14.30 -24.66 -6.61
CA ASP D 90 -15.07 -24.63 -7.84
C ASP D 90 -16.27 -23.74 -7.67
N SER D 91 -16.43 -23.13 -6.49
CA SER D 91 -17.54 -22.20 -6.29
C SER D 91 -17.27 -20.92 -7.08
N ALA D 92 -18.18 -20.55 -7.98
CA ALA D 92 -17.89 -19.46 -8.89
C ALA D 92 -19.12 -19.15 -9.72
N VAL D 93 -19.03 -18.09 -10.54
CA VAL D 93 -20.05 -17.85 -11.54
C VAL D 93 -19.49 -18.39 -12.87
N TYR D 94 -20.24 -19.28 -13.50
CA TYR D 94 -19.84 -19.90 -14.75
C TYR D 94 -20.57 -19.22 -15.90
N TYR D 95 -19.80 -18.65 -16.82
CA TYR D 95 -20.37 -17.99 -17.99
C TYR D 95 -20.26 -18.85 -19.21
N CYS D 96 -21.30 -18.83 -20.04
CA CYS D 96 -21.11 -19.34 -21.41
C CYS D 96 -20.85 -18.12 -22.29
N VAL D 97 -20.06 -18.29 -23.35
CA VAL D 97 -19.65 -17.13 -24.17
C VAL D 97 -19.59 -17.58 -25.61
N SER D 98 -20.42 -16.99 -26.45
CA SER D 98 -20.49 -17.38 -27.87
C SER D 98 -19.42 -16.67 -28.68
N GLY D 99 -18.51 -17.43 -29.27
CA GLY D 99 -17.47 -16.88 -30.12
C GLY D 99 -16.48 -15.98 -29.36
N MET D 100 -16.56 -16.03 -28.04
CA MET D 100 -15.86 -15.13 -27.12
C MET D 100 -16.27 -13.69 -27.31
N GLU D 101 -17.42 -13.49 -27.93
CA GLU D 101 -17.96 -12.15 -28.16
C GLU D 101 -19.07 -11.77 -27.20
N TYR D 102 -20.00 -12.71 -27.00
CA TYR D 102 -21.20 -12.44 -26.24
C TYR D 102 -21.25 -13.32 -25.04
N TRP D 103 -21.34 -12.71 -23.86
CA TRP D 103 -21.37 -13.46 -22.61
C TRP D 103 -22.79 -13.62 -22.08
N GLY D 104 -23.09 -14.80 -21.52
CA GLY D 104 -24.35 -15.01 -20.83
C GLY D 104 -24.37 -14.30 -19.49
N GLN D 105 -25.47 -14.41 -18.76
CA GLN D 105 -25.61 -13.70 -17.47
C GLN D 105 -24.89 -14.46 -16.35
N GLY D 106 -24.45 -15.68 -16.65
CA GLY D 106 -23.70 -16.45 -15.69
C GLY D 106 -24.56 -17.30 -14.78
N THR D 107 -24.02 -18.43 -14.34
CA THR D 107 -24.70 -19.34 -13.45
C THR D 107 -23.86 -19.48 -12.19
N SER D 108 -24.42 -19.07 -11.07
CA SER D 108 -23.77 -19.30 -9.78
C SER D 108 -23.78 -20.78 -9.36
N VAL D 109 -22.58 -21.28 -9.03
CA VAL D 109 -22.42 -22.60 -8.47
C VAL D 109 -21.68 -22.50 -7.15
N THR D 110 -22.29 -23.00 -6.08
CA THR D 110 -21.67 -23.01 -4.76
C THR D 110 -21.44 -24.46 -4.30
N VAL D 111 -20.20 -24.78 -3.91
CA VAL D 111 -19.87 -26.12 -3.46
C VAL D 111 -19.76 -26.11 -1.93
N SER D 112 -20.78 -26.64 -1.25
CA SER D 112 -20.88 -26.54 0.22
C SER D 112 -21.56 -27.76 0.82
N SER D 113 -21.21 -28.06 2.08
CA SER D 113 -21.85 -29.13 2.82
C SER D 113 -23.04 -28.57 3.64
N ALA D 114 -23.22 -27.25 3.58
CA ALA D 114 -24.21 -26.56 4.39
C ALA D 114 -25.64 -26.88 3.94
N LYS D 115 -26.55 -26.93 4.91
CA LYS D 115 -27.97 -27.13 4.65
C LYS D 115 -28.66 -25.80 4.87
N THR D 116 -29.79 -25.60 4.20
CA THR D 116 -30.53 -24.34 4.30
C THR D 116 -30.70 -23.85 5.73
N THR D 117 -30.61 -22.55 5.97
CA THR D 117 -30.56 -22.04 7.32
C THR D 117 -31.02 -20.58 7.39
N ALA D 118 -31.94 -20.31 8.30
CA ALA D 118 -32.42 -18.97 8.53
C ALA D 118 -31.36 -18.19 9.31
N PRO D 119 -31.23 -16.89 9.00
CA PRO D 119 -30.32 -16.03 9.75
C PRO D 119 -30.83 -15.66 11.14
N SER D 120 -29.93 -15.57 12.12
CA SER D 120 -30.22 -14.87 13.35
C SER D 120 -30.03 -13.41 13.03
N VAL D 121 -30.87 -12.55 13.59
CA VAL D 121 -30.78 -11.12 13.29
C VAL D 121 -30.60 -10.33 14.57
N TYR D 122 -29.52 -9.57 14.64
CA TYR D 122 -29.23 -8.79 15.83
C TYR D 122 -29.28 -7.31 15.55
N PRO D 123 -30.01 -6.57 16.39
CA PRO D 123 -29.94 -5.10 16.37
C PRO D 123 -28.60 -4.65 16.93
N LEU D 124 -28.07 -3.58 16.35
CA LEU D 124 -26.81 -3.02 16.78
C LEU D 124 -27.08 -1.57 17.22
N ALA D 125 -27.22 -1.37 18.52
CA ALA D 125 -27.47 -0.04 19.05
C ALA D 125 -26.15 0.66 19.35
N PRO D 126 -26.10 1.98 19.14
CA PRO D 126 -24.87 2.76 19.34
C PRO D 126 -24.38 2.77 20.77
N VAL D 127 -23.13 3.18 20.95
CA VAL D 127 -22.56 3.36 22.27
C VAL D 127 -21.72 4.63 22.31
N GLY D 129 -19.94 7.86 21.94
CA GLY D 129 -19.16 7.54 20.76
C GLY D 129 -20.10 7.31 19.61
N ASP D 130 -19.58 6.82 18.47
CA ASP D 130 -20.41 6.51 17.29
C ASP D 130 -21.41 7.62 16.90
N THR D 131 -21.27 8.78 17.53
CA THR D 131 -21.90 10.03 17.13
C THR D 131 -20.75 10.90 16.74
N THR D 132 -20.67 11.23 15.46
CA THR D 132 -19.62 12.13 14.98
C THR D 132 -20.31 13.30 14.34
N GLY D 133 -20.02 14.49 14.85
CA GLY D 133 -20.68 15.66 14.35
C GLY D 133 -22.12 15.59 14.77
N SER D 134 -23.02 15.70 13.80
CA SER D 134 -24.44 15.56 14.06
C SER D 134 -24.88 14.12 13.75
N SER D 135 -23.92 13.18 13.87
CA SER D 135 -24.16 11.72 14.01
C SER D 135 -25.07 11.19 12.95
N VAL D 136 -25.74 10.05 13.18
CA VAL D 136 -25.43 9.05 14.20
C VAL D 136 -25.57 7.75 13.44
N THR D 137 -24.87 6.71 13.88
CA THR D 137 -24.83 5.43 13.14
C THR D 137 -25.43 4.24 13.91
N LEU D 138 -26.27 3.49 13.22
CA LEU D 138 -26.92 2.28 13.74
C LEU D 138 -26.57 1.10 12.84
N GLY D 139 -26.84 -0.11 13.30
CA GLY D 139 -26.48 -1.28 12.53
C GLY D 139 -27.45 -2.43 12.68
N CYS D 140 -27.25 -3.41 11.81
CA CYS D 140 -28.04 -4.64 11.81
C CYS D 140 -27.16 -5.77 11.35
N LEU D 141 -27.13 -6.84 12.14
CA LEU D 141 -26.25 -7.97 11.84
C LEU D 141 -27.07 -9.18 11.45
N VAL D 142 -26.85 -9.67 10.24
CA VAL D 142 -27.55 -10.84 9.73
C VAL D 142 -26.55 -11.97 9.72
N LYS D 143 -26.66 -12.89 10.67
CA LYS D 143 -25.62 -13.89 10.89
C LYS D 143 -26.09 -15.33 10.66
N GLY D 144 -25.23 -16.13 10.01
CA GLY D 144 -25.38 -17.56 9.96
C GLY D 144 -26.53 -18.11 9.12
N TYR D 145 -26.67 -17.63 7.89
CA TYR D 145 -27.71 -18.15 7.00
C TYR D 145 -27.10 -18.86 5.81
N PHE D 146 -27.95 -19.55 5.06
CA PHE D 146 -27.51 -20.27 3.87
C PHE D 146 -28.72 -20.76 3.08
N PRO D 147 -28.65 -20.69 1.74
CA PRO D 147 -27.55 -20.12 0.97
C PRO D 147 -27.78 -18.61 0.92
N GLU D 148 -27.18 -17.94 -0.06
CA GLU D 148 -27.50 -16.57 -0.38
C GLU D 148 -28.66 -16.61 -1.36
N PRO D 149 -29.38 -15.48 -1.53
CA PRO D 149 -29.20 -14.18 -0.90
C PRO D 149 -30.12 -13.90 0.28
N VAL D 150 -29.87 -12.75 0.90
CA VAL D 150 -30.82 -12.11 1.80
C VAL D 150 -31.14 -10.76 1.19
N THR D 151 -32.24 -10.16 1.63
CA THR D 151 -32.60 -8.83 1.19
C THR D 151 -32.88 -7.96 2.41
N LEU D 152 -32.21 -6.81 2.45
CA LEU D 152 -32.24 -5.94 3.62
C LEU D 152 -32.55 -4.50 3.26
N THR D 153 -33.54 -3.93 3.95
CA THR D 153 -33.57 -2.49 4.11
C THR D 153 -33.99 -2.14 5.53
N TRP D 154 -34.21 -0.86 5.75
CA TRP D 154 -34.32 -0.37 7.10
C TRP D 154 -35.79 -0.19 7.45
N ASN D 155 -36.32 1.02 7.38
CA ASN D 155 -37.74 1.19 7.67
C ASN D 155 -38.58 0.97 6.42
N SER D 156 -38.86 2.05 5.69
CA SER D 156 -39.61 1.95 4.46
C SER D 156 -38.71 1.43 3.36
N GLY D 157 -37.72 2.25 2.99
CA GLY D 157 -36.80 1.90 1.94
C GLY D 157 -37.20 2.55 0.64
N LEU D 159 -34.39 5.21 6.02
CA LEU D 159 -34.54 5.61 4.62
C LEU D 159 -33.67 4.74 3.71
N SER D 160 -33.08 5.38 2.70
CA SER D 160 -32.16 4.69 1.79
C SER D 160 -30.82 5.43 1.77
N SER D 161 -30.86 6.74 1.96
CA SER D 161 -29.63 7.53 1.99
C SER D 161 -28.85 7.25 3.27
N GLY D 162 -27.55 7.04 3.14
CA GLY D 162 -26.70 6.83 4.30
C GLY D 162 -26.74 5.39 4.80
N VAL D 163 -27.07 4.45 3.92
CA VAL D 163 -26.95 3.04 4.23
C VAL D 163 -25.70 2.45 3.58
N HIS D 164 -25.08 1.51 4.28
CA HIS D 164 -24.08 0.65 3.67
C HIS D 164 -24.40 -0.78 4.08
N THR D 165 -24.63 -1.63 3.08
CA THR D 165 -24.85 -3.04 3.33
C THR D 165 -23.67 -3.77 2.74
N PHE D 166 -22.98 -4.55 3.57
CA PHE D 166 -21.69 -5.09 3.18
C PHE D 166 -21.89 -6.50 2.63
N PRO D 167 -21.08 -6.89 1.64
CA PRO D 167 -21.22 -8.25 1.09
C PRO D 167 -20.99 -9.33 2.15
N ALA D 168 -21.72 -10.45 2.06
CA ALA D 168 -21.59 -11.55 3.02
C ALA D 168 -20.18 -12.13 3.04
N VAL D 169 -19.77 -12.68 4.19
CA VAL D 169 -18.54 -13.46 4.26
C VAL D 169 -18.85 -14.82 4.88
N LEU D 170 -17.90 -15.75 4.83
CA LEU D 170 -18.09 -17.09 5.39
C LEU D 170 -17.73 -17.17 6.87
N GLN D 171 -18.75 -17.43 7.69
CA GLN D 171 -18.60 -17.67 9.12
C GLN D 171 -18.99 -19.11 9.43
N SER D 172 -18.00 -19.98 9.53
CA SER D 172 -18.23 -21.41 9.79
C SER D 172 -19.21 -21.99 8.78
N ASP D 173 -18.76 -22.06 7.52
CA ASP D 173 -19.55 -22.60 6.41
C ASP D 173 -20.95 -21.99 6.25
N LEU D 174 -21.20 -20.85 6.89
CA LEU D 174 -22.47 -20.12 6.79
C LEU D 174 -22.21 -18.66 6.40
N TYR D 175 -23.25 -17.94 5.97
CA TYR D 175 -23.08 -16.53 5.59
C TYR D 175 -23.44 -15.51 6.69
N THR D 176 -22.55 -14.54 6.87
CA THR D 176 -22.76 -13.43 7.80
C THR D 176 -22.66 -12.13 7.03
N LEU D 177 -23.58 -11.22 7.30
CA LEU D 177 -23.72 -10.00 6.55
C LEU D 177 -24.12 -8.90 7.53
N SER D 178 -23.75 -7.65 7.26
CA SER D 178 -24.09 -6.57 8.18
C SER D 178 -24.55 -5.37 7.37
N SER D 179 -25.22 -4.42 8.04
CA SER D 179 -25.66 -3.20 7.37
C SER D 179 -25.63 -2.04 8.33
N SER D 180 -25.19 -0.89 7.83
CA SER D 180 -25.10 0.32 8.67
C SER D 180 -25.96 1.43 8.11
N VAL D 181 -26.56 2.22 8.99
CA VAL D 181 -27.39 3.33 8.56
C VAL D 181 -27.05 4.55 9.41
N THR D 182 -26.95 5.71 8.77
CA THR D 182 -26.51 6.90 9.46
C THR D 182 -27.49 8.04 9.20
N VAL D 183 -27.95 8.65 10.29
CA VAL D 183 -29.03 9.65 10.25
C VAL D 183 -28.63 10.85 11.09
N THR D 184 -29.36 11.95 10.97
CA THR D 184 -29.10 13.12 11.80
C THR D 184 -29.29 12.78 13.28
N SER D 185 -28.43 13.35 14.12
CA SER D 185 -28.53 13.24 15.58
C SER D 185 -29.96 13.44 16.15
N SER D 186 -30.71 14.37 15.61
CA SER D 186 -32.07 14.55 16.10
C SER D 186 -32.96 13.32 15.90
N THR D 187 -32.94 12.78 14.68
CA THR D 187 -33.89 11.78 14.24
C THR D 187 -33.92 10.54 15.08
N TRP D 188 -32.80 10.05 15.55
CA TRP D 188 -32.84 8.86 16.40
C TRP D 188 -32.38 9.17 17.83
N PRO D 189 -33.06 8.63 18.87
CA PRO D 189 -34.23 7.73 18.88
C PRO D 189 -35.58 8.44 18.82
N SER D 190 -35.60 9.76 18.60
CA SER D 190 -36.85 10.51 18.45
C SER D 190 -37.74 9.95 17.35
N GLN D 191 -37.17 9.11 16.47
CA GLN D 191 -37.94 8.43 15.45
C GLN D 191 -37.58 6.95 15.42
N SER D 192 -38.57 6.11 15.15
CA SER D 192 -38.38 4.65 15.13
C SER D 192 -37.50 4.21 13.96
N ILE D 193 -36.58 3.29 14.24
CA ILE D 193 -35.74 2.67 13.20
C ILE D 193 -35.63 1.14 13.40
N THR D 194 -36.05 0.38 12.38
CA THR D 194 -36.01 -1.08 12.45
C THR D 194 -35.34 -1.69 11.21
N CYS D 195 -34.77 -2.87 11.38
CA CYS D 195 -34.06 -3.57 10.31
C CYS D 195 -34.98 -4.67 9.81
N ASN D 196 -35.39 -4.59 8.56
CA ASN D 196 -36.18 -5.66 7.95
C ASN D 196 -35.38 -6.43 6.89
N VAL D 197 -35.00 -7.65 7.22
CA VAL D 197 -34.19 -8.48 6.33
C VAL D 197 -34.93 -9.78 6.07
N ALA D 198 -35.08 -10.13 4.79
CA ALA D 198 -35.80 -11.34 4.38
C ALA D 198 -34.85 -12.38 3.81
N HIS D 199 -35.14 -13.66 4.07
CA HIS D 199 -34.34 -14.76 3.53
C HIS D 199 -35.20 -15.72 2.72
N PRO D 200 -35.33 -15.48 1.40
CA PRO D 200 -36.19 -16.26 0.51
C PRO D 200 -36.12 -17.76 0.75
N ALA D 201 -34.91 -18.30 0.78
CA ALA D 201 -34.69 -19.73 0.87
C ALA D 201 -35.35 -20.38 2.10
N SER D 202 -35.69 -19.57 3.10
CA SER D 202 -36.40 -20.08 4.28
C SER D 202 -37.73 -19.35 4.52
N SER D 203 -38.18 -18.60 3.52
CA SER D 203 -39.42 -17.84 3.60
C SER D 203 -39.44 -16.89 4.80
N THR D 204 -38.26 -16.57 5.33
CA THR D 204 -38.17 -15.76 6.52
C THR D 204 -38.34 -14.28 6.19
N LYS D 205 -38.93 -13.55 7.11
CA LYS D 205 -39.07 -12.10 6.98
C LYS D 205 -39.11 -11.45 8.36
N VAL D 206 -38.04 -11.64 9.15
CA VAL D 206 -37.99 -11.08 10.50
C VAL D 206 -37.77 -9.57 10.47
N ASP D 207 -38.00 -8.93 11.61
CA ASP D 207 -37.78 -7.49 11.79
C ASP D 207 -37.19 -7.21 13.16
N LYS D 208 -36.13 -6.40 13.19
CA LYS D 208 -35.53 -5.97 14.46
C LYS D 208 -35.49 -4.44 14.57
N LYS D 209 -36.31 -3.89 15.45
CA LYS D 209 -36.25 -2.46 15.71
C LYS D 209 -34.99 -2.21 16.56
N ILE D 210 -34.35 -1.07 16.34
CA ILE D 210 -33.14 -0.74 17.10
C ILE D 210 -33.54 0.06 18.35
N GLU D 211 -33.39 -0.56 19.51
CA GLU D 211 -33.78 0.09 20.77
C GLU D 211 -32.57 0.51 21.61
N PRO D 212 -32.60 1.74 22.15
CA PRO D 212 -31.49 2.23 22.99
C PRO D 212 -31.33 1.43 24.27
N ASP E 1 1.59 -22.33 -20.05
CA ASP E 1 0.52 -21.49 -20.66
C ASP E 1 0.96 -20.03 -20.73
N VAL E 2 0.24 -19.21 -21.49
CA VAL E 2 0.57 -17.80 -21.57
C VAL E 2 0.05 -17.06 -20.35
N VAL E 3 0.95 -16.37 -19.65
CA VAL E 3 0.58 -15.60 -18.46
C VAL E 3 0.37 -14.14 -18.82
N MET E 4 -0.82 -13.62 -18.50
CA MET E 4 -1.18 -12.24 -18.83
C MET E 4 -1.07 -11.38 -17.59
N THR E 5 -0.18 -10.39 -17.68
CA THR E 5 0.08 -9.50 -16.57
C THR E 5 -0.48 -8.15 -16.89
N GLN E 6 -1.48 -7.73 -16.13
CA GLN E 6 -2.11 -6.44 -16.32
C GLN E 6 -1.63 -5.53 -15.23
N THR E 7 -1.41 -4.26 -15.56
CA THR E 7 -1.04 -3.28 -14.56
C THR E 7 -1.67 -1.92 -14.89
N PRO E 8 -2.04 -1.15 -13.87
CA PRO E 8 -2.04 -1.50 -12.44
C PRO E 8 -3.29 -2.30 -12.12
N LEU E 9 -3.36 -2.90 -10.94
CA LEU E 9 -4.56 -3.64 -10.58
C LEU E 9 -5.69 -2.64 -10.33
N SER E 10 -5.35 -1.43 -9.90
CA SER E 10 -6.36 -0.43 -9.59
C SER E 10 -5.91 0.91 -10.14
N LEU E 11 -6.78 1.56 -10.93
CA LEU E 11 -6.44 2.83 -11.59
C LEU E 11 -7.46 3.91 -11.28
N PRO E 12 -7.13 4.76 -10.29
CA PRO E 12 -8.01 5.89 -9.98
C PRO E 12 -7.88 6.96 -11.03
N VAL E 13 -8.99 7.41 -11.59
CA VAL E 13 -8.95 8.52 -12.53
C VAL E 13 -10.02 9.56 -12.25
N SER E 14 -9.86 10.72 -12.88
CA SER E 14 -10.87 11.75 -12.85
C SER E 14 -11.66 11.73 -14.14
N LEU E 15 -12.98 11.90 -14.04
CA LEU E 15 -13.80 12.01 -15.26
C LEU E 15 -13.16 13.02 -16.20
N GLY E 16 -13.18 12.71 -17.49
CA GLY E 16 -12.62 13.59 -18.50
C GLY E 16 -11.15 13.35 -18.80
N ASP E 17 -10.43 12.75 -17.85
CA ASP E 17 -9.01 12.42 -18.07
C ASP E 17 -8.82 11.21 -18.95
N GLN E 18 -7.59 10.99 -19.32
CA GLN E 18 -7.24 9.80 -20.05
C GLN E 18 -6.71 8.74 -19.09
N ALA E 19 -7.04 7.49 -19.37
CA ALA E 19 -6.56 6.39 -18.58
C ALA E 19 -5.79 5.51 -19.53
N SER E 20 -4.79 4.81 -19.01
CA SER E 20 -4.06 3.82 -19.79
C SER E 20 -3.77 2.60 -18.96
N ILE E 21 -4.18 1.45 -19.48
CA ILE E 21 -4.09 0.15 -18.83
C ILE E 21 -3.17 -0.72 -19.66
N SER E 22 -2.25 -1.42 -18.99
CA SER E 22 -1.23 -2.20 -19.66
C SER E 22 -1.46 -3.69 -19.52
N CYS E 23 -1.27 -4.40 -20.61
CA CYS E 23 -1.31 -5.87 -20.62
C CYS E 23 0.00 -6.40 -21.21
N ARG E 24 0.76 -7.18 -20.44
CA ARG E 24 1.96 -7.81 -20.97
C ARG E 24 1.86 -9.32 -20.85
N SER E 25 2.16 -10.00 -21.94
CA SER E 25 2.10 -11.45 -22.00
C SER E 25 3.47 -12.09 -21.73
N SER E 26 3.47 -13.33 -21.26
CA SER E 26 4.70 -14.04 -20.94
C SER E 26 5.31 -14.62 -22.21
N GLN E 27 4.57 -14.50 -23.30
CA GLN E 27 4.98 -15.03 -24.56
C GLN E 27 4.37 -14.14 -25.63
N SER E 28 5.11 -13.92 -26.72
CA SER E 28 4.59 -13.15 -27.85
C SER E 28 3.25 -13.69 -28.31
N LEU E 29 2.34 -12.78 -28.64
CA LEU E 29 1.00 -13.17 -29.05
C LEU E 29 0.81 -13.10 -30.56
N VAL E 30 1.91 -12.95 -31.29
CA VAL E 30 1.85 -12.93 -32.75
C VAL E 30 1.72 -14.36 -33.28
N HIS E 31 0.61 -14.70 -33.94
CA HIS E 31 0.34 -16.08 -34.37
C HIS E 31 1.19 -16.38 -35.59
N ARG E 32 1.37 -17.67 -35.92
CA ARG E 32 2.11 -18.01 -37.17
C ARG E 32 1.46 -17.35 -38.39
N ASN E 33 0.15 -17.13 -38.32
CA ASN E 33 -0.60 -16.61 -39.45
C ASN E 33 -0.46 -15.11 -39.54
N GLY E 34 0.29 -14.53 -38.61
CA GLY E 34 0.64 -13.12 -38.68
C GLY E 34 -0.26 -12.24 -37.84
N ASN E 35 -1.35 -12.81 -37.33
CA ASN E 35 -2.32 -12.04 -36.55
C ASN E 35 -1.96 -12.06 -35.08
N THR E 36 -2.50 -11.10 -34.34
CA THR E 36 -2.29 -11.06 -32.90
C THR E 36 -3.65 -11.08 -32.20
N TYR E 37 -3.91 -12.17 -31.50
CA TYR E 37 -5.24 -12.38 -30.93
C TYR E 37 -5.26 -11.92 -29.50
N LEU E 38 -5.08 -10.60 -29.33
CA LEU E 38 -5.22 -9.94 -28.03
C LEU E 38 -6.49 -9.10 -28.04
N HIS E 39 -7.31 -9.28 -27.00
CA HIS E 39 -8.62 -8.64 -26.92
C HIS E 39 -8.80 -7.96 -25.57
N TRP E 40 -9.72 -7.00 -25.51
CA TRP E 40 -10.04 -6.32 -24.24
C TRP E 40 -11.53 -6.41 -23.89
N TYR E 41 -11.84 -6.80 -22.67
CA TYR E 41 -13.23 -6.77 -22.20
C TYR E 41 -13.44 -5.75 -21.06
N LEU E 42 -14.67 -5.28 -20.90
CA LEU E 42 -15.00 -4.53 -19.71
C LEU E 42 -16.17 -5.15 -18.96
N GLN E 43 -16.01 -5.32 -17.66
CA GLN E 43 -17.09 -5.80 -16.81
C GLN E 43 -17.45 -4.71 -15.83
N LYS E 44 -18.64 -4.15 -16.00
CA LYS E 44 -19.18 -3.15 -15.09
C LYS E 44 -19.72 -3.86 -13.87
N PRO E 45 -19.70 -3.18 -12.70
CA PRO E 45 -20.08 -3.89 -11.48
C PRO E 45 -21.47 -4.51 -11.59
N GLY E 46 -21.60 -5.75 -11.13
CA GLY E 46 -22.86 -6.45 -11.18
C GLY E 46 -23.27 -6.93 -12.56
N GLN E 47 -22.46 -6.64 -13.59
CA GLN E 47 -22.74 -7.10 -14.93
C GLN E 47 -21.79 -8.21 -15.41
N SER E 48 -22.13 -8.77 -16.55
CA SER E 48 -21.28 -9.76 -17.17
C SER E 48 -20.37 -8.97 -18.10
N PRO E 49 -19.18 -9.50 -18.42
CA PRO E 49 -18.26 -8.81 -19.33
C PRO E 49 -18.86 -8.55 -20.70
N LYS E 50 -18.34 -7.50 -21.32
CA LYS E 50 -18.66 -7.18 -22.70
C LYS E 50 -17.37 -6.93 -23.49
N LEU E 51 -17.38 -7.35 -24.75
CA LEU E 51 -16.20 -7.20 -25.59
C LEU E 51 -16.09 -5.75 -26.01
N LEU E 52 -14.89 -5.21 -25.89
CA LEU E 52 -14.59 -3.86 -26.35
C LEU E 52 -13.70 -3.78 -27.57
N ILE E 53 -12.57 -4.46 -27.51
CA ILE E 53 -11.56 -4.36 -28.57
C ILE E 53 -11.12 -5.78 -28.93
N HIS E 54 -11.05 -6.10 -30.22
CA HIS E 54 -10.53 -7.40 -30.66
C HIS E 54 -9.31 -7.24 -31.59
N LYS E 55 -8.38 -8.18 -31.47
CA LYS E 55 -7.16 -8.20 -32.25
C LYS E 55 -6.46 -6.87 -32.13
N VAL E 56 -6.11 -6.53 -30.90
CA VAL E 56 -5.28 -5.39 -30.57
C VAL E 56 -6.02 -4.04 -30.61
N SER E 57 -6.69 -3.74 -31.71
CA SER E 57 -7.17 -2.37 -31.94
C SER E 57 -8.51 -2.22 -32.67
N ASN E 58 -9.21 -3.32 -32.95
CA ASN E 58 -10.52 -3.22 -33.60
C ASN E 58 -11.66 -3.06 -32.60
N ARG E 59 -12.37 -1.93 -32.65
CA ARG E 59 -13.49 -1.71 -31.73
C ARG E 59 -14.65 -2.58 -32.12
N PHE E 60 -15.18 -3.29 -31.14
CA PHE E 60 -16.31 -4.15 -31.38
C PHE E 60 -17.55 -3.31 -31.65
N SER E 61 -18.59 -3.97 -32.15
CA SER E 61 -19.85 -3.32 -32.43
C SER E 61 -20.37 -2.51 -31.23
N GLY E 62 -20.64 -1.23 -31.46
CA GLY E 62 -21.21 -0.36 -30.45
C GLY E 62 -20.21 0.42 -29.59
N VAL E 63 -18.93 0.09 -29.70
CA VAL E 63 -17.93 0.70 -28.82
C VAL E 63 -17.46 2.07 -29.32
N PRO E 64 -17.47 3.09 -28.44
CA PRO E 64 -17.16 4.43 -28.94
C PRO E 64 -15.68 4.69 -29.20
N ASP E 65 -15.45 5.71 -30.03
CA ASP E 65 -14.13 6.22 -30.43
C ASP E 65 -13.11 6.42 -29.32
N ARG E 66 -13.58 6.77 -28.12
CA ARG E 66 -12.63 7.14 -27.09
C ARG E 66 -11.87 5.94 -26.54
N PHE E 67 -12.33 4.73 -26.88
CA PHE E 67 -11.59 3.53 -26.53
C PHE E 67 -10.65 3.20 -27.68
N SER E 68 -9.37 3.02 -27.39
CA SER E 68 -8.42 2.61 -28.42
C SER E 68 -7.37 1.63 -27.88
N GLY E 69 -7.01 0.66 -28.70
CA GLY E 69 -6.02 -0.34 -28.32
C GLY E 69 -4.77 -0.18 -29.14
N SER E 70 -3.62 -0.51 -28.56
CA SER E 70 -2.39 -0.53 -29.32
C SER E 70 -1.42 -1.57 -28.77
N GLY E 71 -0.30 -1.75 -29.45
CA GLY E 71 0.75 -2.59 -28.94
C GLY E 71 1.13 -3.66 -29.94
N SER E 72 2.07 -4.51 -29.54
CA SER E 72 2.50 -5.62 -30.37
C SER E 72 3.34 -6.57 -29.53
N GLY E 73 3.54 -7.76 -30.09
CA GLY E 73 4.39 -8.78 -29.48
C GLY E 73 3.86 -9.21 -28.14
N THR E 74 4.39 -8.61 -27.08
CA THR E 74 4.06 -8.99 -25.71
C THR E 74 3.57 -7.80 -24.90
N ASP E 75 3.45 -6.64 -25.53
CA ASP E 75 3.19 -5.40 -24.80
C ASP E 75 2.03 -4.66 -25.43
N PHE E 76 1.01 -4.39 -24.63
CA PHE E 76 -0.25 -3.90 -25.16
C PHE E 76 -0.83 -2.85 -24.26
N THR E 77 -1.58 -1.95 -24.86
CA THR E 77 -2.17 -0.88 -24.07
C THR E 77 -3.59 -0.61 -24.53
N LEU E 78 -4.48 -0.43 -23.55
CA LEU E 78 -5.79 0.13 -23.82
C LEU E 78 -5.81 1.55 -23.23
N LYS E 79 -6.21 2.50 -24.06
CA LYS E 79 -6.29 3.89 -23.66
C LYS E 79 -7.74 4.35 -23.75
N ILE E 80 -8.22 5.02 -22.71
CA ILE E 80 -9.51 5.68 -22.76
C ILE E 80 -9.21 7.17 -22.71
N SER E 81 -9.59 7.90 -23.74
CA SER E 81 -9.08 9.25 -23.96
C SER E 81 -9.79 10.30 -23.12
N ARG E 82 -11.06 10.04 -22.77
CA ARG E 82 -11.84 11.00 -21.96
C ARG E 82 -12.89 10.26 -21.15
N VAL E 83 -12.43 9.71 -20.03
CA VAL E 83 -13.23 8.80 -19.23
C VAL E 83 -14.59 9.34 -18.79
N GLU E 84 -15.61 8.51 -18.96
CA GLU E 84 -16.96 8.86 -18.57
C GLU E 84 -17.41 7.89 -17.49
N ALA E 85 -18.39 8.28 -16.71
CA ALA E 85 -18.86 7.46 -15.59
C ALA E 85 -19.25 6.05 -16.03
N GLU E 86 -19.81 5.93 -17.23
CA GLU E 86 -20.21 4.64 -17.78
C GLU E 86 -19.00 3.73 -18.00
N ASP E 87 -17.81 4.32 -18.06
CA ASP E 87 -16.58 3.59 -18.35
C ASP E 87 -15.96 2.92 -17.12
N LEU E 88 -16.52 3.16 -15.93
CA LEU E 88 -15.94 2.58 -14.73
C LEU E 88 -16.29 1.09 -14.64
N GLY E 89 -15.31 0.28 -14.26
CA GLY E 89 -15.51 -1.16 -14.19
C GLY E 89 -14.18 -1.88 -14.19
N VAL E 90 -14.21 -3.19 -14.43
CA VAL E 90 -12.99 -3.96 -14.51
C VAL E 90 -12.68 -4.26 -15.97
N TYR E 91 -11.44 -3.99 -16.36
CA TYR E 91 -10.99 -4.18 -17.73
C TYR E 91 -10.13 -5.39 -17.70
N PHE E 92 -10.36 -6.31 -18.64
CA PHE E 92 -9.56 -7.53 -18.75
C PHE E 92 -8.98 -7.68 -20.12
N CYS E 93 -7.72 -8.11 -20.19
CA CYS E 93 -7.17 -8.57 -21.44
C CYS E 93 -7.30 -10.09 -21.53
N SER E 94 -7.27 -10.59 -22.77
CA SER E 94 -7.28 -12.05 -23.03
C SER E 94 -6.50 -12.33 -24.29
N GLN E 95 -6.03 -13.57 -24.45
CA GLN E 95 -5.32 -13.94 -25.67
C GLN E 95 -5.85 -15.27 -26.14
N SER E 96 -5.94 -15.41 -27.44
CA SER E 96 -6.33 -16.69 -28.03
C SER E 96 -5.43 -17.06 -29.23
N THR E 97 -4.19 -16.60 -29.16
CA THR E 97 -3.14 -17.09 -30.05
C THR E 97 -2.64 -18.47 -29.65
N HIS E 98 -2.52 -18.69 -28.36
CA HIS E 98 -1.93 -19.91 -27.82
C HIS E 98 -2.97 -20.65 -26.98
N VAL E 99 -3.69 -21.54 -27.64
CA VAL E 99 -4.81 -22.23 -27.03
C VAL E 99 -4.74 -23.73 -27.36
N PRO E 100 -5.18 -24.57 -26.43
CA PRO E 100 -5.65 -24.24 -25.09
C PRO E 100 -4.50 -24.04 -24.10
N PRO E 101 -4.74 -23.32 -22.99
CA PRO E 101 -5.98 -22.63 -22.69
C PRO E 101 -5.94 -21.16 -23.12
N LEU E 102 -7.11 -20.63 -23.49
CA LEU E 102 -7.31 -19.18 -23.65
C LEU E 102 -7.08 -18.63 -22.26
N THR E 103 -6.40 -17.50 -22.15
CA THR E 103 -6.07 -16.97 -20.83
C THR E 103 -6.40 -15.50 -20.74
N PHE E 104 -6.60 -15.05 -19.50
CA PHE E 104 -6.96 -13.67 -19.19
C PHE E 104 -5.97 -13.03 -18.23
N GLY E 105 -5.84 -11.70 -18.33
CA GLY E 105 -5.24 -10.94 -17.26
C GLY E 105 -6.12 -10.90 -16.02
N ALA E 106 -5.52 -10.49 -14.91
CA ALA E 106 -6.19 -10.44 -13.61
C ALA E 106 -7.21 -9.34 -13.51
N GLY E 107 -7.17 -8.37 -14.42
CA GLY E 107 -8.10 -7.25 -14.40
C GLY E 107 -7.56 -5.96 -13.79
N THR E 108 -7.98 -4.83 -14.35
CA THR E 108 -7.69 -3.51 -13.77
C THR E 108 -9.02 -2.84 -13.44
N LYS E 109 -9.20 -2.43 -12.19
CA LYS E 109 -10.40 -1.73 -11.83
C LYS E 109 -10.18 -0.24 -12.05
N LEU E 110 -11.01 0.36 -12.89
CA LEU E 110 -10.94 1.79 -13.15
C LEU E 110 -11.94 2.41 -12.20
N GLU E 111 -11.44 3.25 -11.29
CA GLU E 111 -12.26 3.81 -10.23
C GLU E 111 -12.07 5.33 -10.19
N LEU E 112 -12.99 6.00 -9.51
CA LEU E 112 -13.02 7.45 -9.54
C LEU E 112 -12.17 8.01 -8.39
N LYS E 113 -11.32 8.99 -8.72
CA LYS E 113 -10.61 9.80 -7.74
C LYS E 113 -11.58 10.73 -7.02
N ARG E 114 -11.23 11.02 -5.80
CA ARG E 114 -11.80 12.13 -5.06
C ARG E 114 -10.78 12.52 -4.02
N ALA E 115 -11.06 13.58 -3.26
CA ALA E 115 -10.17 14.01 -2.22
C ALA E 115 -10.14 13.00 -1.06
N ASP E 116 -8.96 12.77 -0.52
CA ASP E 116 -8.81 11.81 0.58
C ASP E 116 -9.75 12.16 1.76
N ALA E 117 -10.27 11.12 2.41
CA ALA E 117 -11.23 11.23 3.52
C ALA E 117 -11.02 10.16 4.56
N ALA E 118 -10.96 10.55 5.82
CA ALA E 118 -10.87 9.56 6.87
C ALA E 118 -12.23 8.89 7.08
N PRO E 119 -12.22 7.66 7.58
CA PRO E 119 -13.46 6.94 7.86
C PRO E 119 -14.19 7.49 9.08
N THR E 120 -15.50 7.43 9.04
CA THR E 120 -16.30 7.55 10.26
C THR E 120 -16.41 6.20 10.93
N VAL E 121 -15.91 6.09 12.16
CA VAL E 121 -15.83 4.79 12.81
C VAL E 121 -16.88 4.66 13.91
N SER E 122 -17.52 3.49 13.96
CA SER E 122 -18.55 3.19 14.95
C SER E 122 -18.40 1.78 15.51
N ILE E 123 -18.45 1.62 16.83
CA ILE E 123 -18.32 0.30 17.45
C ILE E 123 -19.64 -0.17 18.10
N PHE E 124 -19.89 -1.48 18.06
CA PHE E 124 -21.15 -2.02 18.54
C PHE E 124 -20.99 -3.27 19.39
N PRO E 125 -21.43 -3.21 20.66
CA PRO E 125 -21.32 -4.41 21.48
C PRO E 125 -22.29 -5.46 21.00
N PRO E 126 -22.13 -6.71 21.44
CA PRO E 126 -23.12 -7.70 21.02
C PRO E 126 -24.48 -7.44 21.64
N SER E 127 -25.53 -7.82 20.94
CA SER E 127 -26.88 -7.65 21.47
C SER E 127 -27.19 -8.70 22.53
N SER E 128 -28.15 -8.38 23.39
CA SER E 128 -28.61 -9.35 24.38
C SER E 128 -29.07 -10.63 23.72
N GLU E 129 -29.82 -10.50 22.62
CA GLU E 129 -30.25 -11.62 21.81
C GLU E 129 -29.08 -12.61 21.59
N GLN E 130 -28.02 -12.14 20.95
CA GLN E 130 -26.89 -13.01 20.62
C GLN E 130 -26.27 -13.65 21.85
N LEU E 131 -26.09 -12.85 22.90
CA LEU E 131 -25.39 -13.29 24.09
C LEU E 131 -26.09 -14.48 24.71
N THR E 132 -27.41 -14.50 24.64
CA THR E 132 -28.17 -15.62 25.16
C THR E 132 -28.01 -16.85 24.28
N SER E 133 -27.68 -16.66 23.00
CA SER E 133 -27.46 -17.81 22.14
C SER E 133 -26.03 -18.37 22.29
N GLY E 134 -25.25 -17.80 23.21
CA GLY E 134 -23.90 -18.28 23.47
C GLY E 134 -22.80 -17.69 22.59
N GLY E 135 -23.15 -16.65 21.82
CA GLY E 135 -22.21 -16.01 20.92
C GLY E 135 -22.03 -14.55 21.30
N ALA E 136 -20.96 -13.91 20.81
CA ALA E 136 -20.73 -12.49 21.10
C ALA E 136 -19.91 -11.86 19.99
N SER E 137 -20.60 -11.18 19.08
CA SER E 137 -19.91 -10.44 18.02
C SER E 137 -19.86 -8.95 18.33
N VAL E 138 -18.67 -8.38 18.21
CA VAL E 138 -18.48 -6.96 18.34
C VAL E 138 -18.27 -6.41 16.93
N VAL E 139 -19.09 -5.44 16.54
CA VAL E 139 -19.07 -4.93 15.16
C VAL E 139 -18.54 -3.51 15.11
N CYS E 140 -17.68 -3.31 14.11
CA CYS E 140 -17.14 -2.00 13.79
C CYS E 140 -17.35 -1.65 12.31
N PHE E 141 -18.01 -0.53 12.08
CA PHE E 141 -18.15 0.06 10.76
C PHE E 141 -17.17 1.21 10.56
N LEU E 142 -16.39 1.13 9.48
CA LEU E 142 -15.49 2.21 9.05
C LEU E 142 -16.03 2.72 7.74
N ASN E 143 -16.69 3.89 7.79
CA ASN E 143 -17.50 4.34 6.69
C ASN E 143 -17.01 5.57 5.98
N ASN E 144 -17.20 5.53 4.66
CA ASN E 144 -17.01 6.69 3.78
C ASN E 144 -15.60 7.25 3.77
N PHE E 145 -14.62 6.40 3.50
CA PHE E 145 -13.23 6.80 3.47
C PHE E 145 -12.67 6.71 2.06
N TYR E 146 -11.50 7.29 1.86
CA TYR E 146 -10.81 7.31 0.59
C TYR E 146 -9.38 7.73 0.83
N PRO E 147 -8.40 7.01 0.24
CA PRO E 147 -8.61 5.85 -0.65
C PRO E 147 -8.94 4.54 0.08
N LYS E 148 -9.07 3.45 -0.70
CA LYS E 148 -9.57 2.17 -0.24
C LYS E 148 -8.69 1.44 0.77
N ASP E 149 -7.39 1.66 0.70
CA ASP E 149 -6.46 0.93 1.54
C ASP E 149 -6.68 1.35 2.99
N ILE E 150 -6.80 0.37 3.85
CA ILE E 150 -7.08 0.64 5.24
C ILE E 150 -6.82 -0.55 6.12
N ASN E 151 -6.54 -0.27 7.39
CA ASN E 151 -6.27 -1.34 8.35
C ASN E 151 -7.08 -1.19 9.62
N VAL E 152 -7.51 -2.34 10.13
CA VAL E 152 -8.26 -2.40 11.36
C VAL E 152 -7.57 -3.37 12.35
N LYS E 153 -7.54 -2.96 13.61
CA LYS E 153 -6.91 -3.72 14.68
C LYS E 153 -7.90 -3.81 15.85
N TRP E 154 -8.07 -5.01 16.40
CA TRP E 154 -8.93 -5.23 17.56
C TRP E 154 -8.10 -5.40 18.82
N LYS E 155 -8.60 -4.87 19.93
CA LYS E 155 -7.94 -4.99 21.22
C LYS E 155 -8.97 -5.36 22.26
N ILE E 156 -8.61 -6.28 23.14
CA ILE E 156 -9.50 -6.66 24.24
C ILE E 156 -8.77 -6.40 25.54
N ASP E 157 -9.34 -5.51 26.34
CA ASP E 157 -8.71 -5.04 27.57
C ASP E 157 -7.20 -4.83 27.36
N GLY E 158 -6.83 -4.16 26.27
CA GLY E 158 -5.44 -3.75 26.07
C GLY E 158 -4.56 -4.45 25.06
N SER E 159 -4.80 -5.73 24.76
CA SER E 159 -3.89 -6.49 23.91
C SER E 159 -4.57 -6.84 22.61
N GLU E 160 -3.80 -6.98 21.53
CA GLU E 160 -4.38 -7.25 20.21
C GLU E 160 -5.04 -8.61 20.16
N ARG E 161 -6.14 -8.68 19.43
CA ARG E 161 -6.85 -9.93 19.18
C ARG E 161 -6.92 -10.11 17.67
N GLN E 162 -6.46 -11.25 17.18
CA GLN E 162 -6.34 -11.48 15.74
C GLN E 162 -7.32 -12.53 15.24
N ASN E 163 -7.63 -13.51 16.09
CA ASN E 163 -8.52 -14.60 15.70
C ASN E 163 -9.98 -14.20 15.78
N GLY E 164 -10.81 -14.78 14.92
CA GLY E 164 -12.24 -14.53 14.98
C GLY E 164 -12.68 -13.19 14.41
N VAL E 165 -11.76 -12.46 13.78
CA VAL E 165 -12.07 -11.20 13.09
C VAL E 165 -12.45 -11.48 11.64
N LEU E 166 -13.61 -11.00 11.20
CA LEU E 166 -14.02 -11.11 9.80
C LEU E 166 -14.35 -9.73 9.21
N ASN E 167 -13.81 -9.45 8.03
CA ASN E 167 -13.90 -8.14 7.39
C ASN E 167 -14.64 -8.22 6.06
N SER E 168 -15.37 -7.19 5.70
CA SER E 168 -16.01 -7.07 4.40
C SER E 168 -15.93 -5.62 3.91
N TRP E 169 -15.63 -5.41 2.63
CA TRP E 169 -15.50 -4.06 2.06
C TRP E 169 -16.57 -3.82 1.03
N THR E 170 -17.12 -2.62 0.97
CA THR E 170 -18.02 -2.29 -0.12
C THR E 170 -17.24 -1.90 -1.38
N ASP E 171 -17.93 -1.88 -2.51
CA ASP E 171 -17.39 -1.31 -3.71
C ASP E 171 -17.50 0.21 -3.58
N GLN E 172 -16.83 0.94 -4.47
CA GLN E 172 -16.80 2.40 -4.41
C GLN E 172 -18.20 2.94 -4.63
N ASP E 173 -18.62 3.87 -3.76
CA ASP E 173 -19.97 4.40 -3.80
C ASP E 173 -20.16 5.27 -5.05
N SER E 174 -21.32 5.12 -5.70
CA SER E 174 -21.59 5.81 -6.96
C SER E 174 -21.95 7.28 -6.78
N LYS E 175 -22.32 7.68 -5.56
CA LYS E 175 -22.76 9.05 -5.27
C LYS E 175 -21.67 9.95 -4.65
N ASP E 176 -20.81 9.38 -3.81
CA ASP E 176 -19.74 10.17 -3.20
C ASP E 176 -18.33 9.62 -3.43
N SER E 177 -18.21 8.55 -4.20
CA SER E 177 -16.93 7.96 -4.56
C SER E 177 -16.09 7.43 -3.38
N THR E 178 -16.74 7.22 -2.23
CA THR E 178 -16.05 6.68 -1.05
C THR E 178 -16.19 5.14 -0.97
N TYR E 179 -15.41 4.55 -0.07
CA TYR E 179 -15.46 3.13 0.31
C TYR E 179 -15.86 2.98 1.78
N SER E 180 -16.34 1.78 2.13
CA SER E 180 -16.71 1.45 3.50
C SER E 180 -16.30 0.03 3.82
N MET E 181 -16.16 -0.23 5.09
CA MET E 181 -15.72 -1.52 5.53
C MET E 181 -16.39 -1.86 6.85
N SER E 182 -16.76 -3.12 6.97
CA SER E 182 -17.29 -3.66 8.22
C SER E 182 -16.32 -4.71 8.80
N SER E 183 -16.05 -4.60 10.10
CA SER E 183 -15.18 -5.52 10.79
C SER E 183 -15.89 -6.14 12.00
N THR E 184 -15.89 -7.47 12.06
CA THR E 184 -16.62 -8.20 13.10
C THR E 184 -15.72 -9.16 13.87
N LEU E 185 -15.65 -8.94 15.18
CA LEU E 185 -14.88 -9.82 16.04
C LEU E 185 -15.86 -10.71 16.79
N THR E 186 -15.93 -11.98 16.43
CA THR E 186 -16.86 -12.90 17.09
C THR E 186 -16.19 -13.80 18.10
N LEU E 187 -16.71 -13.77 19.32
CA LEU E 187 -16.20 -14.57 20.43
C LEU E 187 -17.32 -15.43 20.98
N THR E 188 -16.97 -16.39 21.85
CA THR E 188 -17.99 -17.05 22.65
C THR E 188 -18.42 -16.08 23.72
N LYS E 189 -19.56 -16.34 24.33
CA LYS E 189 -20.03 -15.53 25.46
C LYS E 189 -19.10 -15.75 26.64
N ASP E 190 -18.64 -16.99 26.77
CA ASP E 190 -17.66 -17.35 27.80
C ASP E 190 -16.43 -16.45 27.74
N GLU E 191 -15.92 -16.24 26.53
CA GLU E 191 -14.74 -15.40 26.35
C GLU E 191 -15.10 -13.93 26.35
N TYR E 192 -16.32 -13.59 25.93
CA TYR E 192 -16.74 -12.19 25.91
C TYR E 192 -16.80 -11.70 27.33
N GLU E 193 -17.49 -12.46 28.16
CA GLU E 193 -17.73 -12.09 29.56
C GLU E 193 -16.46 -12.14 30.41
N ARG E 194 -15.37 -12.63 29.84
CA ARG E 194 -14.10 -12.70 30.55
C ARG E 194 -13.27 -11.40 30.61
N HIS E 195 -13.55 -10.44 29.72
CA HIS E 195 -12.73 -9.22 29.60
C HIS E 195 -13.54 -7.92 29.65
N ASN E 196 -12.84 -6.82 29.88
CA ASN E 196 -13.48 -5.52 30.04
C ASN E 196 -13.40 -4.61 28.81
N SER E 197 -12.19 -4.35 28.33
CA SER E 197 -12.02 -3.49 27.16
C SER E 197 -12.23 -4.19 25.82
N TYR E 198 -12.93 -3.49 24.94
CA TYR E 198 -12.97 -3.82 23.51
C TYR E 198 -12.79 -2.58 22.66
N THR E 199 -11.81 -2.65 21.77
CA THR E 199 -11.43 -1.50 20.98
C THR E 199 -11.34 -1.83 19.50
N CYS E 200 -11.67 -0.84 18.69
CA CYS E 200 -11.59 -0.86 17.27
C CYS E 200 -10.59 0.21 16.90
N GLU E 201 -9.50 -0.15 16.25
CA GLU E 201 -8.51 0.85 15.79
C GLU E 201 -8.43 0.88 14.27
N ALA E 202 -8.64 2.07 13.69
CA ALA E 202 -8.48 2.22 12.23
C ALA E 202 -7.28 3.06 11.88
N THR E 203 -6.43 2.53 11.04
CA THR E 203 -5.31 3.29 10.50
C THR E 203 -5.52 3.50 9.00
N HIS E 204 -5.49 4.76 8.58
CA HIS E 204 -5.76 5.14 7.20
C HIS E 204 -4.75 6.23 6.88
N LYS E 205 -4.50 6.49 5.60
CA LYS E 205 -3.41 7.41 5.23
C LYS E 205 -3.71 8.87 5.62
N THR E 206 -4.96 9.13 5.97
CA THR E 206 -5.39 10.49 6.30
C THR E 206 -4.98 10.91 7.73
N SER E 207 -4.38 10.00 8.49
CA SER E 207 -3.87 10.39 9.80
C SER E 207 -2.69 9.52 10.19
N THR E 208 -1.70 10.13 10.81
CA THR E 208 -0.54 9.40 11.27
C THR E 208 -0.96 8.61 12.50
N SER E 209 -2.03 9.07 13.15
CA SER E 209 -2.59 8.41 14.33
C SER E 209 -3.84 7.58 13.99
N PRO E 210 -4.05 6.46 14.70
CA PRO E 210 -5.26 5.68 14.44
C PRO E 210 -6.52 6.38 15.01
N ILE E 211 -7.67 6.12 14.38
CA ILE E 211 -8.94 6.51 14.94
C ILE E 211 -9.32 5.38 15.84
N VAL E 212 -9.70 5.70 17.07
CA VAL E 212 -9.95 4.68 18.08
C VAL E 212 -11.38 4.71 18.63
N LYS E 213 -12.05 3.57 18.60
CA LYS E 213 -13.37 3.44 19.22
C LYS E 213 -13.35 2.29 20.19
N SER E 214 -13.75 2.56 21.43
CA SER E 214 -13.76 1.57 22.50
C SER E 214 -15.09 1.56 23.22
N PHE E 215 -15.27 0.56 24.07
CA PHE E 215 -16.30 0.56 25.10
C PHE E 215 -15.95 -0.46 26.16
N ASN E 216 -16.59 -0.35 27.32
CA ASN E 216 -16.40 -1.29 28.42
C ASN E 216 -17.66 -2.09 28.75
N ARG E 217 -17.49 -3.04 29.68
CA ARG E 217 -18.61 -3.78 30.26
C ARG E 217 -19.47 -4.45 29.20
N ARG F 1 -18.54 -22.99 -35.24
CA ARG F 1 -17.64 -22.52 -36.34
C ARG F 1 -16.59 -21.61 -35.72
N CYS F 2 -15.38 -21.66 -36.25
CA CYS F 2 -14.30 -20.77 -35.83
C CYS F 2 -14.70 -19.32 -36.10
N ASN F 3 -14.34 -18.43 -35.17
CA ASN F 3 -14.65 -17.01 -35.28
C ASN F 3 -13.38 -16.26 -35.64
N PRO F 4 -13.21 -15.92 -36.91
CA PRO F 4 -11.94 -15.37 -37.35
C PRO F 4 -11.65 -13.96 -36.77
N ASN F 5 -12.70 -13.31 -36.27
CA ASN F 5 -12.50 -12.03 -35.62
C ASN F 5 -11.82 -12.21 -34.28
N MET F 6 -11.92 -13.42 -33.70
CA MET F 6 -11.39 -13.65 -32.35
C MET F 6 -10.26 -14.68 -32.27
N GLU F 7 -10.11 -15.49 -33.31
CA GLU F 7 -9.17 -16.58 -33.26
C GLU F 7 -8.80 -16.98 -34.69
N PRO F 8 -7.75 -17.80 -34.84
CA PRO F 8 -7.38 -18.28 -36.18
C PRO F 8 -8.55 -18.95 -36.89
N PRO F 9 -8.78 -18.66 -38.18
CA PRO F 9 -9.85 -19.34 -38.92
C PRO F 9 -9.70 -20.87 -38.90
N ARG F 10 -8.49 -21.34 -38.63
CA ARG F 10 -8.24 -22.76 -38.56
C ARG F 10 -7.92 -23.01 -37.11
N CYS F 11 -8.93 -22.86 -36.26
CA CYS F 11 -8.78 -23.13 -34.85
C CYS F 11 -8.95 -24.62 -34.69
N TRP F 12 -9.04 -25.08 -33.45
CA TRP F 12 -9.19 -26.49 -33.16
C TRP F 12 -10.35 -27.13 -33.94
N ALA F 13 -11.34 -26.31 -34.31
CA ALA F 13 -12.48 -26.75 -35.10
C ALA F 13 -12.33 -26.44 -36.59
#